data_3S3D
#
_entry.id   3S3D
#
_cell.length_a   110.030
_cell.length_b   110.030
_cell.length_c   170.230
_cell.angle_alpha   90.00
_cell.angle_beta   90.00
_cell.angle_gamma   90.00
#
_symmetry.space_group_name_H-M   'P 43 21 2'
#
loop_
_entity.id
_entity.type
_entity.pdbx_description
1 polymer 'Cytochrome c oxidase subunit 1'
2 polymer 'Cytochrome c oxidase subunit 2'
3 polymer 'Cytochrome c oxidase polypeptide 2A'
4 non-polymer 'COPPER (II) ION'
5 non-polymer 'PROTOPORPHYRIN IX CONTAINING FE'
6 non-polymer HEME-AS
7 non-polymer XENON
8 non-polymer 'DINUCLEAR COPPER ION'
#
loop_
_entity_poly.entity_id
_entity_poly.type
_entity_poly.pdbx_seq_one_letter_code
_entity_poly.pdbx_strand_id
1 'polypeptide(L)'
;MHHHHHHAVRASEISRVYEAYPEKKATLYFLVLGFLALIVGSLFGPFQALNYGNVDAYPLLKRLLPFVQSYYQGLTLHGV
LNAIVFTQLFAQAIMVYLPARELNMRPNMGLMWLSWWMAFIGLVVAALPLLANEATVLYTFYPPLKGHWAFYLGASVFVL
STWVSIYIVLDLWRRWKAANPGKVTPLVTYMAVVFWLMWFLASLGLVLEAVLFLLPWSFGLVEGVDPLVARTLFWWTGHP
IVYFWLLPAYAIIYTILPKQAGGKLVSDPMARLAFLLFLLLSTPVGFHHQFADPGIDPTWKMIHSVLTLFVAVPSLMTAF
TVAASLEFAGRLRGGRGLFGWIRALPWDNPAFVAPVLGLLGFIPGGAGGIVNASFTLDYVVHNTAWVPGHFHLQVASLVT
LTAMGSLYWLLPNLTGKPISDAQRRLGLAVVWLWFLGMMIMAVGLHWAGLLNVPRRAYIAQVPDAYPHAAVPMVFNVLAG
IVLLVALLLFIYGLFSVLLSRERKPELAEAPLPFAEVISGPEDRRLVLAMDRIGFWFAVAAILVVLAYGPTLVQLFGHLN
PVPGWRLW
;
A
2 'polypeptide(L)'
;DEHKAHKAILAYEKGWLAFSLAMLFVFIALIAYTLATHTAGVIPAGKLERVDPTTVRQEGPWADPAQAVVQTGPNQYTVY
VLAFAFGYQPNPIEVPQGAEIVFKITSPDVIHGFHVEGTNINVEVLPGEVSTVRYTFKRPGEYRIICNQYCGLGHQNMFG
TIVVKE
;
B
3 'polypeptide(L)' EEKPKGALAVILVLTLTILVFWLGVYAVFFARG C
#
loop_
_chem_comp.id
_chem_comp.type
_chem_comp.name
_chem_comp.formula
CU non-polymer 'COPPER (II) ION' 'Cu 2'
CUA non-polymer 'DINUCLEAR COPPER ION' Cu2
HAS non-polymer HEME-AS 'C54 H64 Fe N4 O6'
HEM non-polymer 'PROTOPORPHYRIN IX CONTAINING FE' 'C34 H32 Fe N4 O4'
XE non-polymer XENON Xe
#
# COMPACT_ATOMS: atom_id res chain seq x y z
N ILE A 14 -13.35 35.84 -10.70
CA ILE A 14 -13.07 36.30 -12.13
C ILE A 14 -13.41 35.22 -13.17
N SER A 15 -13.75 34.00 -12.66
CA SER A 15 -14.42 32.88 -13.39
C SER A 15 -15.94 32.55 -12.92
N ARG A 16 -16.92 32.80 -13.86
CA ARG A 16 -18.40 32.39 -13.72
C ARG A 16 -18.38 30.87 -13.58
N VAL A 17 -17.56 30.20 -14.42
CA VAL A 17 -17.22 28.76 -14.34
C VAL A 17 -16.82 28.40 -12.86
N TYR A 18 -16.14 29.30 -12.17
CA TYR A 18 -16.01 29.10 -10.72
C TYR A 18 -17.34 29.30 -9.98
N GLU A 19 -18.26 30.13 -10.55
CA GLU A 19 -19.53 30.51 -9.88
C GLU A 19 -20.77 29.55 -9.99
N ALA A 20 -20.93 28.84 -11.11
CA ALA A 20 -21.87 27.67 -11.14
C ALA A 20 -21.17 26.35 -10.81
N TYR A 21 -19.85 26.29 -11.12
CA TYR A 21 -18.98 25.20 -10.65
C TYR A 21 -17.80 25.80 -9.79
N PRO A 22 -18.15 26.25 -8.55
CA PRO A 22 -17.14 26.63 -7.55
C PRO A 22 -16.45 25.37 -7.06
N GLU A 23 -17.17 24.23 -7.20
CA GLU A 23 -16.64 22.90 -6.90
C GLU A 23 -15.48 22.55 -7.82
N LYS A 24 -15.38 23.23 -8.95
CA LYS A 24 -14.22 23.09 -9.83
C LYS A 24 -12.95 23.65 -9.20
N LYS A 25 -13.07 24.86 -8.66
CA LYS A 25 -11.93 25.52 -8.06
C LYS A 25 -11.45 24.73 -6.86
N ALA A 26 -12.39 24.42 -5.94
CA ALA A 26 -12.08 23.64 -4.75
C ALA A 26 -11.29 22.38 -5.12
N THR A 27 -11.76 21.70 -6.17
CA THR A 27 -11.14 20.50 -6.70
C THR A 27 -9.74 20.77 -7.23
N LEU A 28 -9.56 21.87 -7.96
CA LEU A 28 -8.23 22.23 -8.42
C LEU A 28 -7.22 22.41 -7.27
N TYR A 29 -7.62 23.08 -6.20
CA TYR A 29 -6.74 23.32 -5.06
C TYR A 29 -6.28 22.03 -4.37
N PHE A 30 -7.18 21.05 -4.32
CA PHE A 30 -6.81 19.76 -3.80
C PHE A 30 -5.75 19.15 -4.69
N LEU A 31 -5.99 19.14 -5.99
CA LEU A 31 -5.06 18.55 -6.94
C LEU A 31 -3.72 19.24 -6.96
N VAL A 32 -3.76 20.57 -6.89
CA VAL A 32 -2.52 21.32 -6.93
C VAL A 32 -1.70 20.96 -5.69
N LEU A 33 -2.29 21.11 -4.52
CA LEU A 33 -1.61 20.78 -3.27
C LEU A 33 -1.10 19.34 -3.34
N GLY A 34 -1.92 18.46 -3.90
CA GLY A 34 -1.59 17.05 -4.10
C GLY A 34 -0.34 16.80 -4.93
N PHE A 35 -0.30 17.38 -6.13
CA PHE A 35 0.84 17.16 -7.02
C PHE A 35 2.10 17.85 -6.56
N LEU A 36 1.95 18.93 -5.78
CA LEU A 36 3.12 19.60 -5.21
C LEU A 36 3.79 18.65 -4.23
N ALA A 37 2.99 18.07 -3.33
CA ALA A 37 3.47 17.07 -2.38
C ALA A 37 4.19 15.91 -3.09
N LEU A 38 3.62 15.47 -4.21
CA LEU A 38 4.20 14.41 -5.01
C LEU A 38 5.58 14.80 -5.56
N ILE A 39 5.74 16.06 -5.92
CA ILE A 39 7.01 16.50 -6.46
C ILE A 39 8.06 16.55 -5.38
N VAL A 40 7.76 17.25 -4.27
CA VAL A 40 8.69 17.37 -3.14
C VAL A 40 9.06 16.00 -2.58
N GLY A 41 8.06 15.12 -2.47
CA GLY A 41 8.28 13.79 -1.96
C GLY A 41 9.17 13.01 -2.90
N SER A 42 8.86 13.11 -4.19
CA SER A 42 9.47 12.24 -5.18
C SER A 42 10.92 12.52 -5.46
N LEU A 43 11.38 13.72 -5.12
CA LEU A 43 12.80 14.10 -5.28
C LEU A 43 13.74 13.10 -4.61
N PHE A 44 13.36 12.63 -3.41
CA PHE A 44 14.13 11.65 -2.67
C PHE A 44 14.10 10.27 -3.31
N GLY A 45 13.19 10.07 -4.25
CA GLY A 45 13.04 8.80 -4.92
C GLY A 45 14.35 8.29 -5.47
N PRO A 46 14.90 8.99 -6.48
CA PRO A 46 16.12 8.61 -7.19
C PRO A 46 17.29 8.33 -6.26
N PHE A 47 17.50 9.22 -5.30
CA PHE A 47 18.56 9.07 -4.30
C PHE A 47 18.46 7.74 -3.57
N GLN A 48 17.23 7.33 -3.28
CA GLN A 48 16.95 6.07 -2.59
C GLN A 48 17.12 4.85 -3.49
N ALA A 49 16.83 5.04 -4.78
CA ALA A 49 17.02 3.98 -5.77
C ALA A 49 18.51 3.68 -5.91
N LEU A 50 19.31 4.75 -5.95
CA LEU A 50 20.77 4.63 -6.00
C LEU A 50 21.31 4.00 -4.71
N ASN A 51 20.91 4.54 -3.57
CA ASN A 51 21.22 3.91 -2.31
C ASN A 51 21.12 2.40 -2.47
N TYR A 52 20.03 1.91 -3.03
CA TYR A 52 19.87 0.46 -3.21
C TYR A 52 20.65 -0.07 -4.39
N GLY A 53 21.23 0.84 -5.16
CA GLY A 53 22.17 0.42 -6.18
C GLY A 53 23.60 0.38 -5.65
N ASN A 54 23.73 0.60 -4.35
CA ASN A 54 25.04 0.68 -3.67
C ASN A 54 25.85 1.95 -3.99
N VAL A 55 25.17 2.96 -4.49
CA VAL A 55 25.78 4.26 -4.74
C VAL A 55 25.34 5.27 -3.68
N ASP A 56 26.29 5.97 -3.07
CA ASP A 56 25.94 6.98 -2.05
C ASP A 56 25.80 8.42 -2.60
N ALA A 57 24.58 8.82 -2.95
CA ALA A 57 24.35 10.12 -3.57
C ALA A 57 24.12 11.26 -2.58
N TYR A 58 24.02 10.91 -1.31
CA TYR A 58 23.52 11.83 -0.25
C TYR A 58 24.29 13.11 0.09
N PRO A 59 25.64 13.07 0.03
CA PRO A 59 26.34 14.34 0.19
C PRO A 59 25.96 15.34 -0.94
N LEU A 60 25.67 14.83 -2.15
CA LEU A 60 25.22 15.70 -3.24
C LEU A 60 23.89 16.37 -2.86
N LEU A 61 22.93 15.54 -2.47
CA LEU A 61 21.60 16.01 -2.05
C LEU A 61 21.66 16.86 -0.77
N LYS A 62 22.60 16.54 0.11
CA LYS A 62 22.83 17.35 1.31
C LYS A 62 23.28 18.76 0.92
N ARG A 63 24.04 18.85 -0.16
CA ARG A 63 24.51 20.13 -0.71
C ARG A 63 23.38 20.94 -1.37
N LEU A 64 22.55 20.27 -2.18
CA LEU A 64 21.38 20.93 -2.78
C LEU A 64 20.43 21.32 -1.66
N LEU A 65 20.01 20.32 -0.89
CA LEU A 65 19.08 20.52 0.20
C LEU A 65 19.79 20.42 1.55
N PRO A 66 20.37 21.53 2.02
CA PRO A 66 21.14 21.57 3.28
C PRO A 66 20.33 21.12 4.51
N PHE A 67 18.99 21.21 4.44
CA PHE A 67 18.09 20.88 5.56
C PHE A 67 17.92 19.38 5.83
N VAL A 68 18.22 18.56 4.82
CA VAL A 68 18.19 17.10 4.92
C VAL A 68 19.34 16.58 5.80
N GLN A 69 18.99 15.89 6.88
CA GLN A 69 19.96 15.52 7.90
C GLN A 69 20.44 14.09 7.81
N SER A 70 19.61 13.19 7.26
CA SER A 70 20.01 11.79 7.11
C SER A 70 19.18 11.11 6.05
N TYR A 71 19.53 9.87 5.74
CA TYR A 71 18.80 9.06 4.77
C TYR A 71 17.38 8.85 5.23
N TYR A 72 17.25 8.66 6.53
CA TYR A 72 15.98 8.31 7.15
C TYR A 72 14.98 9.47 7.22
N GLN A 73 15.47 10.71 7.31
CA GLN A 73 14.59 11.88 7.21
C GLN A 73 14.07 11.98 5.79
N GLY A 74 14.94 11.71 4.83
CA GLY A 74 14.56 11.63 3.41
C GLY A 74 13.43 10.66 3.18
N LEU A 75 13.63 9.43 3.63
CA LEU A 75 12.63 8.38 3.53
C LEU A 75 11.31 8.71 4.22
N THR A 76 11.39 9.48 5.31
CA THR A 76 10.21 9.86 6.06
C THR A 76 9.46 10.85 5.20
N LEU A 77 10.23 11.74 4.55
CA LEU A 77 9.64 12.75 3.68
C LEU A 77 9.11 12.12 2.39
N HIS A 78 9.84 11.13 1.87
CA HIS A 78 9.38 10.38 0.69
C HIS A 78 8.06 9.66 0.99
N GLY A 79 8.02 8.93 2.09
CA GLY A 79 6.84 8.16 2.46
C GLY A 79 5.65 9.04 2.72
N VAL A 80 5.82 10.03 3.58
CA VAL A 80 4.69 10.85 4.02
C VAL A 80 4.07 11.70 2.91
N LEU A 81 4.88 12.47 2.19
CA LEU A 81 4.34 13.35 1.13
C LEU A 81 3.75 12.60 -0.05
N ASN A 82 4.30 11.43 -0.37
CA ASN A 82 3.85 10.65 -1.51
C ASN A 82 2.70 9.68 -1.23
N ALA A 83 2.86 8.83 -0.22
CA ALA A 83 1.85 7.81 0.08
C ALA A 83 0.71 8.29 0.99
N ILE A 84 0.97 9.30 1.83
CA ILE A 84 -0.07 9.87 2.71
C ILE A 84 -0.70 11.15 2.14
N VAL A 85 0.13 12.10 1.74
CA VAL A 85 -0.34 13.42 1.30
C VAL A 85 -0.91 13.41 -0.12
N PHE A 86 -0.06 13.17 -1.11
CA PHE A 86 -0.49 13.09 -2.51
C PHE A 86 -1.76 12.25 -2.70
N THR A 87 -1.72 11.00 -2.26
CA THR A 87 -2.81 10.06 -2.46
C THR A 87 -4.11 10.49 -1.79
N GLN A 88 -4.04 11.02 -0.55
CA GLN A 88 -5.26 11.44 0.15
C GLN A 88 -5.89 12.66 -0.52
N LEU A 89 -5.05 13.58 -0.98
CA LEU A 89 -5.54 14.77 -1.67
C LEU A 89 -6.14 14.43 -3.03
N PHE A 90 -5.52 13.49 -3.75
CA PHE A 90 -6.06 13.01 -5.01
C PHE A 90 -7.44 12.38 -4.78
N ALA A 91 -7.54 11.52 -3.78
CA ALA A 91 -8.77 10.81 -3.46
C ALA A 91 -9.87 11.82 -3.22
N GLN A 92 -9.60 12.79 -2.35
CA GLN A 92 -10.58 13.80 -1.98
C GLN A 92 -11.07 14.59 -3.17
N ALA A 93 -10.18 14.91 -4.09
CA ALA A 93 -10.57 15.62 -5.31
C ALA A 93 -11.44 14.72 -6.18
N ILE A 94 -11.01 13.50 -6.40
CA ILE A 94 -11.68 12.61 -7.33
C ILE A 94 -12.94 12.03 -6.75
N MET A 95 -12.93 11.62 -5.51
CA MET A 95 -14.12 10.98 -4.96
C MET A 95 -15.13 11.96 -4.35
N VAL A 96 -14.96 13.24 -4.67
CA VAL A 96 -15.96 14.25 -4.35
C VAL A 96 -16.41 14.91 -5.63
N TYR A 97 -15.46 15.34 -6.46
CA TYR A 97 -15.78 16.00 -7.71
C TYR A 97 -16.51 15.08 -8.67
N LEU A 98 -15.98 13.90 -8.96
CA LEU A 98 -16.67 12.97 -9.89
C LEU A 98 -18.12 12.67 -9.52
N PRO A 99 -18.40 12.32 -8.24
CA PRO A 99 -19.80 12.11 -7.88
C PRO A 99 -20.61 13.41 -7.95
N ALA A 100 -19.93 14.55 -7.87
CA ALA A 100 -20.60 15.83 -8.05
C ALA A 100 -20.95 16.09 -9.52
N ARG A 101 -20.04 15.86 -10.44
CA ARG A 101 -20.34 16.15 -11.84
C ARG A 101 -21.35 15.19 -12.42
N GLU A 102 -21.42 13.98 -11.86
CA GLU A 102 -22.31 12.93 -12.37
C GLU A 102 -23.74 13.15 -11.95
N LEU A 103 -23.93 13.59 -10.70
CA LEU A 103 -25.25 13.95 -10.20
C LEU A 103 -25.63 15.34 -10.67
N ASN A 104 -24.66 16.04 -11.26
CA ASN A 104 -24.75 17.46 -11.63
C ASN A 104 -25.28 18.31 -10.47
N MET A 105 -24.72 18.07 -9.29
CA MET A 105 -25.09 18.82 -8.10
C MET A 105 -23.88 19.55 -7.59
N ARG A 106 -24.10 20.45 -6.64
CA ARG A 106 -23.01 21.17 -5.99
C ARG A 106 -22.74 20.60 -4.61
N PRO A 107 -21.45 20.33 -4.30
CA PRO A 107 -20.97 19.91 -2.98
C PRO A 107 -21.20 21.01 -1.97
N ASN A 108 -21.62 20.70 -0.74
CA ASN A 108 -21.76 21.78 0.24
C ASN A 108 -20.44 22.55 0.27
N MET A 109 -20.43 23.75 -0.30
CA MET A 109 -19.15 24.44 -0.58
C MET A 109 -18.42 24.94 0.65
N GLY A 110 -19.17 25.25 1.72
CA GLY A 110 -18.59 25.64 2.99
C GLY A 110 -17.69 24.53 3.51
N LEU A 111 -18.26 23.33 3.64
CA LEU A 111 -17.54 22.14 4.13
C LEU A 111 -16.37 21.78 3.23
N MET A 112 -16.60 21.75 1.93
CA MET A 112 -15.53 21.40 1.02
C MET A 112 -14.31 22.25 1.32
N TRP A 113 -14.47 23.56 1.38
CA TRP A 113 -13.33 24.42 1.66
C TRP A 113 -12.78 24.25 3.06
N LEU A 114 -13.60 23.78 4.00
CA LEU A 114 -13.08 23.52 5.34
C LEU A 114 -12.12 22.33 5.33
N SER A 115 -12.42 21.34 4.48
CA SER A 115 -11.61 20.13 4.38
C SER A 115 -10.29 20.41 3.69
N TRP A 116 -10.28 21.38 2.77
CA TRP A 116 -9.05 21.75 2.09
C TRP A 116 -8.09 22.45 3.03
N TRP A 117 -8.61 23.39 3.81
CA TRP A 117 -7.81 24.09 4.81
C TRP A 117 -7.31 23.18 5.93
N MET A 118 -8.17 22.28 6.40
CA MET A 118 -7.75 21.31 7.41
C MET A 118 -6.54 20.55 6.88
N ALA A 119 -6.68 20.05 5.66
CA ALA A 119 -5.62 19.33 4.97
C ALA A 119 -4.41 20.21 4.75
N PHE A 120 -4.63 21.48 4.39
CA PHE A 120 -3.52 22.42 4.18
C PHE A 120 -2.81 22.84 5.48
N ILE A 121 -3.59 23.16 6.50
CA ILE A 121 -3.05 23.54 7.80
C ILE A 121 -2.38 22.33 8.44
N GLY A 122 -3.09 21.19 8.42
CA GLY A 122 -2.61 19.92 8.97
C GLY A 122 -1.30 19.45 8.35
N LEU A 123 -1.18 19.63 7.03
CA LEU A 123 0.09 19.41 6.34
C LEU A 123 1.20 20.34 6.85
N VAL A 124 0.92 21.65 6.87
CA VAL A 124 1.89 22.67 7.27
C VAL A 124 2.34 22.47 8.72
N VAL A 125 1.39 22.22 9.63
CA VAL A 125 1.70 21.90 11.03
C VAL A 125 2.62 20.69 11.13
N ALA A 126 2.42 19.66 10.28
CA ALA A 126 3.25 18.46 10.37
C ALA A 126 4.51 18.59 9.54
N ALA A 127 4.46 19.44 8.51
CA ALA A 127 5.63 19.69 7.68
C ALA A 127 6.80 20.20 8.50
N LEU A 128 6.52 21.10 9.44
CA LEU A 128 7.58 21.76 10.18
C LEU A 128 8.47 20.78 10.93
N PRO A 129 7.89 19.97 11.85
CA PRO A 129 8.76 19.03 12.57
C PRO A 129 9.48 18.03 11.66
N LEU A 130 8.89 17.74 10.50
CA LEU A 130 9.50 16.81 9.58
C LEU A 130 10.71 17.47 8.95
N LEU A 131 10.53 18.71 8.52
CA LEU A 131 11.57 19.43 7.86
C LEU A 131 12.67 19.80 8.87
N ALA A 132 12.29 20.04 10.12
CA ALA A 132 13.27 20.34 11.19
C ALA A 132 13.96 19.11 11.82
N ASN A 133 13.75 17.93 11.19
CA ASN A 133 14.27 16.62 11.64
C ASN A 133 13.87 16.24 13.07
N GLU A 134 12.62 16.57 13.43
CA GLU A 134 12.07 16.32 14.77
C GLU A 134 11.12 15.14 14.75
N ALA A 135 10.94 14.58 13.56
CA ALA A 135 10.04 13.45 13.34
C ALA A 135 10.56 12.54 12.23
N THR A 136 11.79 12.09 12.37
CA THR A 136 12.35 11.13 11.46
C THR A 136 11.94 9.76 12.01
N VAL A 137 10.66 9.45 11.83
CA VAL A 137 10.07 8.19 12.31
C VAL A 137 9.46 7.34 11.18
N LEU A 138 9.48 7.87 9.96
CA LEU A 138 8.83 7.22 8.83
C LEU A 138 7.31 7.31 8.91
N TYR A 139 6.66 7.07 7.77
CA TYR A 139 5.20 7.23 7.64
C TYR A 139 4.37 6.21 8.42
N THR A 140 5.03 5.20 8.99
CA THR A 140 4.36 4.23 9.86
C THR A 140 4.47 4.65 11.32
N PHE A 141 5.44 5.53 11.60
CA PHE A 141 5.63 6.06 12.96
C PHE A 141 5.39 5.04 14.07
N TYR A 142 6.17 3.94 14.08
CA TYR A 142 6.02 2.87 15.09
C TYR A 142 6.57 3.27 16.44
N PRO A 143 5.72 3.30 17.49
CA PRO A 143 6.24 3.54 18.83
C PRO A 143 7.16 2.38 19.23
N PRO A 144 8.09 2.61 20.17
CA PRO A 144 8.38 3.79 20.99
C PRO A 144 9.09 5.00 20.30
N LEU A 145 9.67 4.81 19.12
CA LEU A 145 10.21 5.95 18.37
C LEU A 145 9.24 7.12 18.42
N LYS A 146 9.62 8.14 19.17
CA LYS A 146 8.71 9.24 19.51
C LYS A 146 9.00 10.49 18.68
N GLY A 147 8.04 10.95 17.87
CA GLY A 147 8.20 12.16 17.06
C GLY A 147 7.65 13.41 17.75
N HIS A 148 8.01 14.59 17.25
CA HIS A 148 7.53 15.85 17.82
C HIS A 148 6.00 15.89 17.82
N TRP A 149 5.41 16.46 18.87
CA TRP A 149 3.94 16.53 18.97
C TRP A 149 3.20 17.14 17.77
N ALA A 150 3.85 18.08 17.09
CA ALA A 150 3.22 18.81 16.00
C ALA A 150 3.12 17.97 14.72
N PHE A 151 3.94 16.92 14.64
CA PHE A 151 3.78 15.94 13.59
C PHE A 151 2.47 15.15 13.77
N TYR A 152 2.26 14.61 14.99
CA TYR A 152 1.08 13.80 15.33
C TYR A 152 -0.24 14.56 15.20
N LEU A 153 -0.23 15.80 15.67
CA LEU A 153 -1.39 16.66 15.59
C LEU A 153 -1.61 17.04 14.14
N GLY A 154 -0.52 17.30 13.43
CA GLY A 154 -0.61 17.72 12.04
C GLY A 154 -1.33 16.69 11.21
N ALA A 155 -0.88 15.43 11.34
CA ALA A 155 -1.41 14.30 10.58
C ALA A 155 -2.85 14.03 10.96
N SER A 156 -3.12 14.07 12.27
CA SER A 156 -4.45 13.87 12.81
C SER A 156 -5.45 14.73 12.06
N VAL A 157 -5.22 16.04 12.09
CA VAL A 157 -6.05 17.00 11.37
C VAL A 157 -6.05 16.71 9.86
N PHE A 158 -4.88 16.37 9.30
CA PHE A 158 -4.79 16.04 7.87
C PHE A 158 -5.71 14.90 7.50
N VAL A 159 -5.59 13.79 8.21
CA VAL A 159 -6.47 12.64 8.03
C VAL A 159 -7.92 12.97 8.37
N LEU A 160 -8.15 13.79 9.39
CA LEU A 160 -9.50 14.20 9.77
C LEU A 160 -10.20 15.02 8.69
N SER A 161 -9.43 15.62 7.79
CA SER A 161 -10.01 16.29 6.65
C SER A 161 -10.93 15.39 5.83
N THR A 162 -10.57 14.11 5.73
CA THR A 162 -11.36 13.15 4.96
C THR A 162 -12.74 12.95 5.58
N TRP A 163 -12.84 13.15 6.88
CA TRP A 163 -14.12 13.00 7.52
C TRP A 163 -15.13 14.03 7.02
N VAL A 164 -14.65 15.23 6.67
CA VAL A 164 -15.50 16.23 6.03
C VAL A 164 -15.90 15.75 4.63
N SER A 165 -14.96 15.17 3.88
CA SER A 165 -15.28 14.65 2.56
C SER A 165 -16.32 13.54 2.60
N ILE A 166 -16.12 12.54 3.46
CA ILE A 166 -17.14 11.52 3.65
C ILE A 166 -18.52 12.17 3.74
N TYR A 167 -18.68 13.08 4.70
CA TYR A 167 -19.94 13.81 4.91
C TYR A 167 -20.46 14.45 3.63
N ILE A 168 -19.67 15.33 3.02
CA ILE A 168 -20.03 16.02 1.78
C ILE A 168 -20.65 15.07 0.74
N VAL A 169 -20.01 13.93 0.54
CA VAL A 169 -20.46 12.97 -0.47
C VAL A 169 -21.63 12.13 0.02
N LEU A 170 -21.72 11.86 1.32
CA LEU A 170 -22.96 11.28 1.87
C LEU A 170 -24.12 12.24 1.61
N ASP A 171 -23.93 13.50 1.97
CA ASP A 171 -24.91 14.56 1.69
C ASP A 171 -25.37 14.51 0.24
N LEU A 172 -24.41 14.72 -0.68
CA LEU A 172 -24.71 14.70 -2.11
C LEU A 172 -25.56 13.50 -2.50
N TRP A 173 -25.27 12.37 -1.89
CA TRP A 173 -25.98 11.15 -2.18
C TRP A 173 -27.36 11.18 -1.56
N ARG A 174 -27.47 11.64 -0.32
CA ARG A 174 -28.76 11.68 0.34
C ARG A 174 -29.70 12.62 -0.45
N ARG A 175 -29.15 13.78 -0.86
CA ARG A 175 -29.89 14.78 -1.65
C ARG A 175 -30.36 14.28 -3.04
N TRP A 176 -29.54 13.46 -3.68
CA TRP A 176 -29.95 12.76 -4.90
C TRP A 176 -30.99 11.69 -4.62
N LYS A 177 -30.88 11.00 -3.48
CA LYS A 177 -31.89 10.05 -3.04
C LYS A 177 -33.27 10.69 -2.87
N ALA A 178 -33.30 11.77 -2.09
CA ALA A 178 -34.50 12.57 -1.91
C ALA A 178 -35.14 13.04 -3.21
N ALA A 179 -34.34 13.46 -4.18
CA ALA A 179 -34.90 13.98 -5.43
C ALA A 179 -35.32 12.87 -6.41
N ASN A 180 -34.80 11.65 -6.18
CA ASN A 180 -35.15 10.50 -7.00
C ASN A 180 -35.51 9.31 -6.12
N PRO A 181 -36.72 9.36 -5.50
CA PRO A 181 -37.18 8.26 -4.63
C PRO A 181 -37.31 6.93 -5.38
N GLY A 182 -36.50 5.95 -4.92
CA GLY A 182 -36.54 4.57 -5.45
C GLY A 182 -35.70 4.28 -6.67
N LYS A 183 -35.02 5.29 -7.22
CA LYS A 183 -34.09 5.09 -8.35
C LYS A 183 -32.77 4.47 -7.83
N VAL A 184 -32.09 3.67 -8.67
CA VAL A 184 -30.80 3.09 -8.27
C VAL A 184 -29.69 4.14 -8.34
N THR A 185 -28.98 4.32 -7.22
CA THR A 185 -27.82 5.21 -7.17
C THR A 185 -27.01 5.07 -8.45
N PRO A 186 -26.66 6.20 -9.09
CA PRO A 186 -25.80 6.18 -10.27
C PRO A 186 -24.41 5.58 -9.93
N LEU A 187 -23.77 4.99 -10.94
CA LEU A 187 -22.57 4.19 -10.72
C LEU A 187 -21.50 4.96 -9.97
N VAL A 188 -20.97 6.02 -10.58
CA VAL A 188 -19.85 6.77 -9.98
C VAL A 188 -20.16 7.11 -8.50
N THR A 189 -21.36 7.65 -8.27
CA THR A 189 -21.80 8.00 -6.94
C THR A 189 -21.78 6.79 -6.03
N TYR A 190 -22.30 5.66 -6.54
CA TYR A 190 -22.28 4.42 -5.80
C TYR A 190 -20.87 4.06 -5.37
N MET A 191 -19.95 4.12 -6.33
CA MET A 191 -18.53 3.90 -6.07
C MET A 191 -18.03 4.85 -4.99
N ALA A 192 -18.25 6.15 -5.17
CA ALA A 192 -17.84 7.16 -4.19
C ALA A 192 -18.46 6.92 -2.82
N VAL A 193 -19.72 6.50 -2.80
CA VAL A 193 -20.46 6.28 -1.55
C VAL A 193 -19.92 5.10 -0.74
N VAL A 194 -19.82 3.92 -1.35
CA VAL A 194 -19.24 2.80 -0.63
C VAL A 194 -17.74 3.04 -0.43
N PHE A 195 -17.15 3.91 -1.26
CA PHE A 195 -15.75 4.30 -1.07
C PHE A 195 -15.59 4.98 0.27
N TRP A 196 -16.30 6.09 0.48
CA TRP A 196 -16.11 6.86 1.69
C TRP A 196 -16.59 6.18 2.96
N LEU A 197 -17.53 5.24 2.84
CA LEU A 197 -18.03 4.47 3.98
C LEU A 197 -17.02 3.43 4.45
N MET A 198 -16.44 2.74 3.46
CA MET A 198 -15.33 1.85 3.68
C MET A 198 -14.21 2.60 4.41
N TRP A 199 -13.87 3.80 3.93
CA TRP A 199 -12.81 4.59 4.53
C TRP A 199 -13.14 4.99 5.94
N PHE A 200 -14.42 5.25 6.22
CA PHE A 200 -14.82 5.62 7.56
C PHE A 200 -14.62 4.49 8.55
N LEU A 201 -15.11 3.31 8.21
CA LEU A 201 -14.88 2.13 9.03
C LEU A 201 -13.39 1.92 9.27
N ALA A 202 -12.62 2.13 8.21
CA ALA A 202 -11.20 1.89 8.23
C ALA A 202 -10.52 2.87 9.17
N SER A 203 -10.90 4.15 9.04
CA SER A 203 -10.18 5.24 9.68
C SER A 203 -10.28 5.23 11.19
N LEU A 204 -11.19 4.45 11.75
CA LEU A 204 -11.34 4.40 13.20
C LEU A 204 -10.08 3.89 13.90
N GLY A 205 -9.32 3.02 13.22
CA GLY A 205 -8.14 2.40 13.84
C GLY A 205 -7.08 3.41 14.17
N LEU A 206 -6.62 4.12 13.15
CA LEU A 206 -5.63 5.16 13.30
C LEU A 206 -6.15 6.24 14.25
N VAL A 207 -7.40 6.65 14.06
CA VAL A 207 -8.02 7.66 14.91
C VAL A 207 -7.98 7.25 16.39
N LEU A 208 -8.25 5.96 16.67
CA LEU A 208 -8.19 5.44 18.03
C LEU A 208 -6.76 5.41 18.56
N GLU A 209 -5.84 4.94 17.74
CA GLU A 209 -4.44 4.98 18.11
C GLU A 209 -4.02 6.40 18.48
N ALA A 210 -4.35 7.35 17.60
CA ALA A 210 -3.99 8.76 17.77
C ALA A 210 -4.64 9.41 19.00
N VAL A 211 -5.94 9.20 19.18
CA VAL A 211 -6.67 9.76 20.34
C VAL A 211 -6.33 9.02 21.64
N LEU A 212 -6.13 7.71 21.60
CA LEU A 212 -5.77 6.97 22.81
C LEU A 212 -4.30 7.05 23.20
N PHE A 213 -3.39 7.10 22.22
CA PHE A 213 -1.97 6.93 22.55
C PHE A 213 -1.02 8.01 22.03
N LEU A 214 -1.00 8.21 20.71
CA LEU A 214 -0.03 9.11 20.11
C LEU A 214 -0.12 10.59 20.52
N LEU A 215 -1.32 11.16 20.54
CA LEU A 215 -1.46 12.55 20.92
C LEU A 215 -1.15 12.80 22.40
N PRO A 216 -1.77 12.04 23.32
CA PRO A 216 -1.42 12.31 24.72
C PRO A 216 0.08 12.16 24.99
N TRP A 217 0.68 11.15 24.35
CA TRP A 217 2.09 10.78 24.50
C TRP A 217 3.04 11.89 24.15
N SER A 218 2.91 12.42 22.95
CA SER A 218 3.77 13.48 22.45
C SER A 218 3.42 14.83 23.07
N PHE A 219 2.26 14.91 23.73
CA PHE A 219 1.96 16.08 24.58
C PHE A 219 2.50 15.87 26.00
N GLY A 220 3.03 14.67 26.25
CA GLY A 220 3.63 14.36 27.54
C GLY A 220 2.64 13.86 28.59
N LEU A 221 1.34 14.10 28.38
CA LEU A 221 0.32 13.64 29.33
C LEU A 221 0.60 12.24 29.89
N VAL A 222 1.18 11.36 29.08
CA VAL A 222 1.56 10.00 29.51
C VAL A 222 3.00 9.71 29.09
N GLU A 223 3.64 8.75 29.76
CA GLU A 223 5.06 8.48 29.48
C GLU A 223 5.27 7.29 28.54
N GLY A 224 4.28 6.39 28.49
CA GLY A 224 4.40 5.14 27.72
C GLY A 224 3.32 4.84 26.71
N VAL A 225 3.63 3.96 25.76
CA VAL A 225 2.69 3.48 24.74
C VAL A 225 2.95 2.00 24.47
N ASP A 226 1.89 1.19 24.35
CA ASP A 226 2.05 -0.23 24.06
C ASP A 226 2.28 -0.46 22.57
N PRO A 227 3.49 -0.89 22.19
CA PRO A 227 3.89 -1.03 20.78
C PRO A 227 2.99 -1.98 20.00
N LEU A 228 2.61 -3.09 20.63
CA LEU A 228 1.78 -4.12 20.02
C LEU A 228 0.37 -3.62 19.67
N VAL A 229 -0.28 -2.92 20.60
CA VAL A 229 -1.61 -2.35 20.31
C VAL A 229 -1.45 -1.19 19.35
N ALA A 230 -0.40 -0.40 19.54
CA ALA A 230 -0.14 0.73 18.69
C ALA A 230 -0.15 0.30 17.24
N ARG A 231 0.63 -0.71 16.91
CA ARG A 231 0.74 -1.13 15.52
C ARG A 231 -0.42 -2.03 15.08
N THR A 232 -1.08 -2.69 16.03
CA THR A 232 -2.26 -3.49 15.72
C THR A 232 -3.42 -2.60 15.28
N LEU A 233 -3.64 -1.53 16.04
CA LEU A 233 -4.58 -0.48 15.65
C LEU A 233 -4.11 0.23 14.39
N PHE A 234 -2.80 0.44 14.24
CA PHE A 234 -2.29 1.11 13.05
C PHE A 234 -2.69 0.35 11.81
N TRP A 235 -2.46 -0.95 11.79
CA TRP A 235 -2.74 -1.75 10.59
C TRP A 235 -4.20 -2.07 10.39
N TRP A 236 -5.02 -1.74 11.38
CA TRP A 236 -6.44 -1.67 11.18
C TRP A 236 -6.72 -0.69 10.02
N THR A 237 -6.22 0.55 10.13
CA THR A 237 -6.38 1.58 9.10
C THR A 237 -5.34 1.41 8.00
N GLY A 238 -4.22 0.82 8.38
CA GLY A 238 -3.04 0.69 7.51
C GLY A 238 -3.22 -0.10 6.25
N HIS A 239 -4.08 -1.10 6.27
CA HIS A 239 -4.39 -1.75 5.03
C HIS A 239 -5.49 -1.07 4.22
N PRO A 240 -6.67 -0.86 4.81
CA PRO A 240 -7.67 -0.23 3.98
C PRO A 240 -7.18 1.08 3.34
N ILE A 241 -6.19 1.72 3.96
CA ILE A 241 -5.68 2.97 3.39
C ILE A 241 -4.99 2.78 2.04
N VAL A 242 -4.50 1.57 1.73
CA VAL A 242 -3.97 1.38 0.38
C VAL A 242 -5.11 1.27 -0.59
N TYR A 243 -6.26 0.76 -0.13
CA TYR A 243 -7.44 0.70 -0.98
C TYR A 243 -8.05 2.06 -1.07
N PHE A 244 -7.97 2.81 0.03
CA PHE A 244 -8.28 4.23 -0.03
C PHE A 244 -7.42 4.96 -1.07
N TRP A 245 -6.23 4.45 -1.37
CA TRP A 245 -5.42 5.00 -2.44
C TRP A 245 -5.87 4.49 -3.79
N LEU A 246 -6.23 3.21 -3.85
CA LEU A 246 -6.46 2.50 -5.12
C LEU A 246 -7.76 2.90 -5.78
N LEU A 247 -8.84 2.79 -5.01
CA LEU A 247 -10.16 2.99 -5.55
C LEU A 247 -10.39 4.29 -6.36
N PRO A 248 -9.76 5.44 -5.98
CA PRO A 248 -9.97 6.62 -6.83
C PRO A 248 -9.44 6.37 -8.25
N ALA A 249 -8.35 5.60 -8.35
CA ALA A 249 -7.83 5.20 -9.65
C ALA A 249 -8.79 4.24 -10.34
N TYR A 250 -9.37 3.30 -9.58
CA TYR A 250 -10.34 2.32 -10.13
C TYR A 250 -11.57 3.03 -10.66
N ALA A 251 -12.12 3.99 -9.89
CA ALA A 251 -13.27 4.77 -10.32
C ALA A 251 -13.01 5.36 -11.68
N ILE A 252 -11.81 5.92 -11.87
CA ILE A 252 -11.37 6.52 -13.15
C ILE A 252 -11.23 5.49 -14.28
N ILE A 253 -10.65 4.34 -13.95
CA ILE A 253 -10.46 3.26 -14.92
C ILE A 253 -11.77 2.64 -15.39
N TYR A 254 -12.70 2.40 -14.47
CA TYR A 254 -14.01 1.83 -14.83
C TYR A 254 -14.85 2.78 -15.68
N THR A 255 -14.88 4.06 -15.33
CA THR A 255 -15.90 4.98 -15.84
C THR A 255 -15.38 6.14 -16.68
N ILE A 256 -14.06 6.24 -16.85
CA ILE A 256 -13.48 7.29 -17.72
C ILE A 256 -12.48 6.76 -18.76
N LEU A 257 -11.80 5.65 -18.43
CA LEU A 257 -10.85 5.05 -19.35
C LEU A 257 -11.45 4.37 -20.56
N PRO A 258 -12.53 3.58 -20.39
CA PRO A 258 -13.14 2.95 -21.55
C PRO A 258 -13.52 3.95 -22.63
N LYS A 259 -13.92 5.16 -22.24
CA LYS A 259 -14.24 6.26 -23.15
C LYS A 259 -12.98 6.82 -23.81
N GLN A 260 -11.96 7.11 -23.00
CA GLN A 260 -10.67 7.52 -23.52
C GLN A 260 -10.06 6.46 -24.47
N ALA A 261 -10.56 5.23 -24.38
CA ALA A 261 -10.09 4.11 -25.22
C ALA A 261 -10.98 3.89 -26.44
N GLY A 262 -12.06 4.67 -26.53
CA GLY A 262 -12.99 4.60 -27.66
C GLY A 262 -13.98 3.44 -27.62
N GLY A 263 -14.24 2.91 -26.43
CA GLY A 263 -15.19 1.82 -26.21
C GLY A 263 -16.10 2.12 -25.04
N LYS A 264 -16.68 1.08 -24.46
CA LYS A 264 -17.64 1.24 -23.35
C LYS A 264 -17.23 0.39 -22.14
N LEU A 265 -17.60 0.83 -20.93
CA LEU A 265 -17.55 -0.05 -19.77
C LEU A 265 -18.53 -1.17 -20.05
N VAL A 266 -18.02 -2.39 -20.05
CA VAL A 266 -18.76 -3.57 -20.51
C VAL A 266 -19.69 -4.16 -19.45
N SER A 267 -19.60 -3.65 -18.23
CA SER A 267 -20.48 -4.13 -17.17
C SER A 267 -20.63 -3.20 -15.97
N ASP A 268 -21.80 -2.58 -15.84
CA ASP A 268 -22.10 -1.76 -14.68
C ASP A 268 -22.01 -2.56 -13.38
N PRO A 269 -22.80 -3.63 -13.28
CA PRO A 269 -22.96 -4.34 -12.01
C PRO A 269 -21.72 -5.11 -11.60
N MET A 270 -20.81 -5.36 -12.55
CA MET A 270 -19.52 -5.95 -12.21
C MET A 270 -18.71 -4.91 -11.46
N ALA A 271 -18.73 -3.67 -11.95
CA ALA A 271 -18.06 -2.55 -11.32
C ALA A 271 -18.60 -2.28 -9.92
N ARG A 272 -19.93 -2.38 -9.78
CA ARG A 272 -20.58 -2.25 -8.47
C ARG A 272 -20.13 -3.33 -7.50
N LEU A 273 -20.10 -4.58 -7.98
CA LEU A 273 -19.76 -5.72 -7.14
C LEU A 273 -18.34 -5.61 -6.59
N ALA A 274 -17.41 -5.24 -7.46
CA ALA A 274 -16.02 -4.99 -7.11
C ALA A 274 -15.95 -4.00 -5.92
N PHE A 275 -16.48 -2.79 -6.11
CA PHE A 275 -16.47 -1.78 -5.06
C PHE A 275 -17.23 -2.20 -3.81
N LEU A 276 -18.30 -2.98 -3.97
CA LEU A 276 -19.02 -3.51 -2.81
C LEU A 276 -18.13 -4.43 -1.98
N LEU A 277 -17.47 -5.37 -2.66
CA LEU A 277 -16.58 -6.29 -1.98
C LEU A 277 -15.41 -5.60 -1.26
N PHE A 278 -14.97 -4.46 -1.79
CA PHE A 278 -13.97 -3.62 -1.11
C PHE A 278 -14.49 -3.00 0.17
N LEU A 279 -15.72 -2.52 0.16
CA LEU A 279 -16.31 -2.09 1.39
C LEU A 279 -16.30 -3.26 2.37
N LEU A 280 -16.58 -4.46 1.89
CA LEU A 280 -16.74 -5.63 2.77
C LEU A 280 -15.45 -6.19 3.36
N LEU A 281 -14.41 -6.33 2.54
CA LEU A 281 -13.23 -7.07 2.97
C LEU A 281 -12.00 -6.21 3.13
N SER A 282 -12.16 -4.90 3.05
CA SER A 282 -10.99 -4.04 3.02
C SER A 282 -10.34 -3.90 4.37
N THR A 283 -11.15 -3.82 5.41
CA THR A 283 -10.62 -3.53 6.72
C THR A 283 -10.24 -4.74 7.59
N PRO A 284 -11.03 -5.82 7.57
CA PRO A 284 -10.70 -6.88 8.50
C PRO A 284 -9.63 -7.84 7.93
N VAL A 285 -8.46 -7.32 7.58
CA VAL A 285 -7.38 -8.16 7.06
C VAL A 285 -6.01 -7.78 7.60
N GLY A 286 -5.97 -6.63 8.28
CA GLY A 286 -4.70 -6.03 8.74
C GLY A 286 -3.62 -6.94 9.32
N PHE A 287 -4.01 -8.07 9.89
CA PHE A 287 -3.03 -8.96 10.48
C PHE A 287 -2.07 -9.47 9.44
N HIS A 288 -2.38 -9.27 8.17
CA HIS A 288 -1.46 -9.64 7.09
C HIS A 288 -0.20 -8.75 7.06
N HIS A 289 -0.24 -7.67 7.85
CA HIS A 289 0.92 -6.82 8.06
C HIS A 289 1.65 -7.18 9.34
N GLN A 290 1.11 -8.14 10.08
CA GLN A 290 1.61 -8.44 11.41
C GLN A 290 1.93 -9.92 11.54
N PHE A 291 2.28 -10.55 10.41
CA PHE A 291 2.55 -11.98 10.42
C PHE A 291 3.75 -12.30 11.29
N ALA A 292 4.63 -11.31 11.45
CA ALA A 292 5.88 -11.47 12.15
C ALA A 292 5.80 -10.87 13.54
N ASP A 293 4.59 -10.60 13.98
CA ASP A 293 4.44 -10.03 15.29
C ASP A 293 4.18 -11.09 16.31
N PRO A 294 4.70 -10.88 17.54
CA PRO A 294 4.38 -11.72 18.69
C PRO A 294 2.99 -11.40 19.22
N GLY A 295 2.49 -12.24 20.12
CA GLY A 295 1.29 -11.93 20.92
C GLY A 295 -0.04 -11.84 20.19
N ILE A 296 -0.06 -12.32 18.95
CA ILE A 296 -1.30 -12.39 18.18
C ILE A 296 -1.46 -13.84 17.78
N ASP A 297 -2.52 -14.48 18.25
CA ASP A 297 -2.74 -15.89 18.00
C ASP A 297 -2.54 -16.30 16.52
N PRO A 298 -1.86 -17.45 16.24
CA PRO A 298 -1.69 -17.97 14.88
C PRO A 298 -3.00 -18.28 14.11
N THR A 299 -4.06 -18.68 14.84
CA THR A 299 -5.36 -18.90 14.22
C THR A 299 -5.83 -17.60 13.60
N TRP A 300 -5.88 -16.54 14.42
CA TRP A 300 -6.33 -15.24 13.94
C TRP A 300 -5.60 -14.76 12.71
N LYS A 301 -4.33 -15.17 12.61
CA LYS A 301 -3.49 -14.85 11.47
C LYS A 301 -3.96 -15.61 10.24
N MET A 302 -4.28 -16.89 10.44
CA MET A 302 -4.75 -17.73 9.35
C MET A 302 -6.05 -17.17 8.83
N ILE A 303 -6.99 -16.91 9.73
CA ILE A 303 -8.26 -16.29 9.38
C ILE A 303 -8.01 -15.09 8.49
N HIS A 304 -7.19 -14.15 8.97
CA HIS A 304 -6.87 -12.94 8.23
C HIS A 304 -6.11 -13.18 6.91
N SER A 305 -5.32 -14.24 6.85
CA SER A 305 -4.65 -14.63 5.60
C SER A 305 -5.65 -15.04 4.53
N VAL A 306 -6.69 -15.75 4.95
CA VAL A 306 -7.80 -16.15 4.08
C VAL A 306 -8.65 -14.94 3.66
N LEU A 307 -9.06 -14.10 4.61
CA LEU A 307 -9.80 -12.88 4.27
C LEU A 307 -9.00 -11.98 3.34
N THR A 308 -7.67 -12.05 3.42
CA THR A 308 -6.80 -11.29 2.49
C THR A 308 -6.77 -11.86 1.06
N LEU A 309 -6.76 -13.19 0.92
CA LEU A 309 -6.90 -13.78 -0.42
C LEU A 309 -8.26 -13.40 -1.05
N PHE A 310 -9.32 -13.41 -0.23
CA PHE A 310 -10.63 -12.94 -0.66
C PHE A 310 -10.59 -11.50 -1.14
N VAL A 311 -9.92 -10.63 -0.39
CA VAL A 311 -9.81 -9.21 -0.75
C VAL A 311 -9.10 -9.05 -2.13
N ALA A 312 -8.50 -10.13 -2.60
CA ALA A 312 -7.82 -10.10 -3.87
C ALA A 312 -8.83 -10.26 -4.98
N VAL A 313 -9.93 -10.93 -4.69
CA VAL A 313 -10.96 -11.19 -5.70
C VAL A 313 -11.43 -9.89 -6.43
N PRO A 314 -11.77 -8.81 -5.68
CA PRO A 314 -12.15 -7.57 -6.35
C PRO A 314 -11.20 -7.13 -7.47
N SER A 315 -9.89 -7.25 -7.25
CA SER A 315 -8.88 -6.92 -8.27
C SER A 315 -8.75 -7.99 -9.37
N LEU A 316 -9.17 -9.22 -9.09
CA LEU A 316 -9.19 -10.23 -10.12
C LEU A 316 -10.37 -9.99 -11.05
N MET A 317 -11.56 -9.81 -10.46
CA MET A 317 -12.73 -9.42 -11.22
C MET A 317 -12.36 -8.24 -12.11
N THR A 318 -11.93 -7.13 -11.49
CA THR A 318 -11.59 -5.90 -12.20
C THR A 318 -10.70 -6.15 -13.41
N ALA A 319 -9.74 -7.05 -13.23
CA ALA A 319 -8.75 -7.33 -14.27
C ALA A 319 -9.40 -7.78 -15.54
N PHE A 320 -10.49 -8.55 -15.41
CA PHE A 320 -11.24 -9.03 -16.57
C PHE A 320 -12.10 -7.94 -17.17
N THR A 321 -12.88 -7.30 -16.31
CA THR A 321 -13.84 -6.27 -16.71
C THR A 321 -13.19 -5.15 -17.54
N VAL A 322 -12.11 -4.58 -17.00
CA VAL A 322 -11.38 -3.54 -17.71
C VAL A 322 -10.82 -4.09 -19.02
N ALA A 323 -10.24 -5.30 -18.97
CA ALA A 323 -9.68 -5.94 -20.18
C ALA A 323 -10.74 -6.10 -21.26
N ALA A 324 -11.96 -6.51 -20.84
CA ALA A 324 -13.08 -6.72 -21.76
C ALA A 324 -13.41 -5.44 -22.45
N SER A 325 -13.49 -4.36 -21.68
CA SER A 325 -13.81 -3.01 -22.18
C SER A 325 -12.74 -2.46 -23.10
N LEU A 326 -11.47 -2.73 -22.76
CA LEU A 326 -10.35 -2.29 -23.57
C LEU A 326 -10.31 -3.07 -24.87
N GLU A 327 -10.63 -4.37 -24.81
CA GLU A 327 -10.76 -5.19 -26.03
C GLU A 327 -11.99 -4.79 -26.85
N PHE A 328 -13.09 -4.50 -26.16
CA PHE A 328 -14.29 -3.95 -26.78
C PHE A 328 -13.95 -2.65 -27.45
N ALA A 329 -13.28 -1.76 -26.71
CA ALA A 329 -12.83 -0.50 -27.28
C ALA A 329 -11.96 -0.75 -28.49
N GLY A 330 -11.07 -1.72 -28.36
CA GLY A 330 -10.11 -2.07 -29.39
C GLY A 330 -10.73 -2.59 -30.65
N ARG A 331 -11.70 -3.49 -30.50
CA ARG A 331 -12.42 -4.04 -31.65
C ARG A 331 -13.17 -2.95 -32.42
N LEU A 332 -13.92 -2.10 -31.69
CA LEU A 332 -14.62 -0.96 -32.28
C LEU A 332 -13.65 -0.14 -33.11
N ARG A 333 -12.39 -0.12 -32.68
CA ARG A 333 -11.34 0.65 -33.34
C ARG A 333 -10.68 -0.11 -34.48
N GLY A 334 -11.26 -1.24 -34.85
CA GLY A 334 -10.68 -2.12 -35.85
C GLY A 334 -9.64 -3.03 -35.22
N GLY A 335 -10.06 -3.72 -34.16
CA GLY A 335 -9.20 -4.68 -33.46
C GLY A 335 -9.19 -5.93 -34.29
N ARG A 336 -7.99 -6.35 -34.70
CA ARG A 336 -7.82 -7.53 -35.60
C ARG A 336 -8.13 -8.87 -34.88
N GLY A 337 -7.09 -9.62 -34.55
CA GLY A 337 -7.28 -10.94 -33.96
C GLY A 337 -7.16 -10.93 -32.45
N LEU A 338 -6.40 -11.92 -31.95
CA LEU A 338 -6.12 -12.09 -30.53
C LEU A 338 -5.32 -10.95 -29.86
N PHE A 339 -4.54 -10.19 -30.63
CA PHE A 339 -3.75 -9.07 -30.08
C PHE A 339 -3.90 -7.75 -30.85
N GLY A 340 -4.65 -7.78 -31.96
CA GLY A 340 -4.81 -6.62 -32.86
C GLY A 340 -5.42 -5.39 -32.20
N TRP A 341 -6.31 -5.66 -31.24
CA TRP A 341 -6.99 -4.64 -30.45
C TRP A 341 -6.07 -3.84 -29.53
N ILE A 342 -4.98 -4.46 -29.07
CA ILE A 342 -3.98 -3.70 -28.31
C ILE A 342 -3.37 -2.57 -29.17
N ARG A 343 -3.07 -2.87 -30.45
CA ARG A 343 -2.49 -1.88 -31.37
C ARG A 343 -3.54 -0.84 -31.82
N ALA A 344 -4.81 -1.22 -31.74
CA ALA A 344 -5.94 -0.37 -32.15
C ALA A 344 -6.28 0.79 -31.19
N LEU A 345 -5.76 0.72 -29.97
CA LEU A 345 -6.04 1.74 -28.97
C LEU A 345 -5.30 3.06 -29.27
N PRO A 346 -5.70 4.17 -28.61
CA PRO A 346 -5.13 5.50 -28.91
C PRO A 346 -3.83 5.79 -28.13
N TRP A 347 -2.75 5.09 -28.51
CA TRP A 347 -1.45 5.17 -27.84
C TRP A 347 -0.79 6.56 -27.97
N ASP A 348 -1.52 7.48 -28.61
CA ASP A 348 -1.11 8.85 -28.83
C ASP A 348 -1.68 9.79 -27.76
N ASN A 349 -2.66 9.28 -27.00
CA ASN A 349 -3.27 10.02 -25.88
C ASN A 349 -2.71 9.57 -24.51
N PRO A 350 -2.03 10.49 -23.78
CA PRO A 350 -1.44 10.07 -22.50
C PRO A 350 -2.50 9.77 -21.44
N ALA A 351 -3.67 10.37 -21.55
CA ALA A 351 -4.77 10.06 -20.62
C ALA A 351 -5.14 8.58 -20.71
N PHE A 352 -4.91 7.96 -21.86
CA PHE A 352 -5.15 6.54 -22.00
C PHE A 352 -3.90 5.74 -21.67
N VAL A 353 -2.76 6.18 -22.17
CA VAL A 353 -1.51 5.44 -22.03
C VAL A 353 -1.14 5.23 -20.56
N ALA A 354 -1.13 6.32 -19.81
CA ALA A 354 -0.72 6.31 -18.40
C ALA A 354 -1.39 5.22 -17.57
N PRO A 355 -2.73 5.14 -17.59
CA PRO A 355 -3.39 4.14 -16.75
C PRO A 355 -3.23 2.71 -17.22
N VAL A 356 -3.16 2.51 -18.54
CA VAL A 356 -3.07 1.15 -19.07
C VAL A 356 -1.71 0.56 -18.76
N LEU A 357 -0.66 1.31 -19.04
CA LEU A 357 0.67 0.89 -18.65
C LEU A 357 0.67 0.52 -17.17
N GLY A 358 0.15 1.43 -16.33
CA GLY A 358 0.04 1.22 -14.89
C GLY A 358 -0.62 -0.09 -14.53
N LEU A 359 -1.59 -0.50 -15.37
CA LEU A 359 -2.31 -1.74 -15.20
C LEU A 359 -1.45 -2.94 -15.56
N LEU A 360 -0.51 -2.74 -16.47
CA LEU A 360 0.48 -3.77 -16.77
C LEU A 360 1.32 -4.02 -15.51
N GLY A 361 2.01 -2.97 -15.06
CA GLY A 361 2.84 -3.04 -13.86
C GLY A 361 2.07 -3.61 -12.69
N PHE A 362 0.75 -3.49 -12.75
CA PHE A 362 -0.12 -3.97 -11.69
C PHE A 362 -0.22 -5.49 -11.70
N ILE A 363 0.14 -6.14 -12.80
CA ILE A 363 0.13 -7.60 -12.84
C ILE A 363 1.25 -8.25 -11.97
N PRO A 364 2.52 -7.85 -12.17
CA PRO A 364 3.51 -8.34 -11.23
C PRO A 364 3.13 -7.87 -9.83
N GLY A 365 2.64 -6.63 -9.75
CA GLY A 365 2.23 -6.02 -8.50
C GLY A 365 1.34 -6.93 -7.69
N GLY A 366 0.32 -7.49 -8.34
CA GLY A 366 -0.64 -8.35 -7.66
C GLY A 366 -0.05 -9.67 -7.15
N ALA A 367 0.69 -10.37 -7.99
CA ALA A 367 1.31 -11.65 -7.62
C ALA A 367 2.20 -11.52 -6.38
N GLY A 368 3.02 -10.48 -6.35
CA GLY A 368 3.80 -10.14 -5.17
C GLY A 368 2.92 -10.02 -3.94
N GLY A 369 1.82 -9.27 -4.04
CA GLY A 369 0.92 -9.08 -2.91
C GLY A 369 0.27 -10.35 -2.38
N ILE A 370 -0.19 -11.19 -3.31
CA ILE A 370 -0.81 -12.51 -3.03
C ILE A 370 0.19 -13.50 -2.40
N VAL A 371 1.44 -13.46 -2.85
CA VAL A 371 2.57 -14.08 -2.16
C VAL A 371 2.59 -13.58 -0.71
N ASN A 372 2.81 -12.28 -0.54
CA ASN A 372 2.91 -11.66 0.77
C ASN A 372 1.80 -12.05 1.72
N ALA A 373 0.61 -12.29 1.17
CA ALA A 373 -0.59 -12.54 1.97
C ALA A 373 -0.71 -13.96 2.54
N SER A 374 0.13 -14.87 2.07
CA SER A 374 0.00 -16.28 2.37
C SER A 374 0.64 -16.70 3.69
N PHE A 375 0.49 -15.88 4.73
CA PHE A 375 0.96 -16.21 6.08
C PHE A 375 2.42 -16.63 6.04
N THR A 376 2.66 -17.94 6.11
CA THR A 376 4.01 -18.50 6.18
C THR A 376 4.96 -18.06 5.08
N LEU A 377 4.46 -17.79 3.88
CA LEU A 377 5.33 -17.32 2.79
C LEU A 377 5.87 -15.94 3.05
N ASP A 378 5.21 -15.21 3.96
CA ASP A 378 5.62 -13.85 4.27
C ASP A 378 7.04 -13.85 4.80
N TYR A 379 7.32 -14.76 5.73
CA TYR A 379 8.64 -14.82 6.39
C TYR A 379 9.82 -14.80 5.41
N VAL A 380 9.57 -15.13 4.15
CA VAL A 380 10.60 -15.09 3.13
C VAL A 380 10.99 -13.64 2.87
N VAL A 381 9.98 -12.77 2.82
CA VAL A 381 10.13 -11.46 2.23
C VAL A 381 9.93 -10.32 3.22
N HIS A 382 9.35 -10.62 4.38
CA HIS A 382 8.95 -9.57 5.30
C HIS A 382 10.08 -8.59 5.59
N ASN A 383 9.77 -7.31 5.47
CA ASN A 383 10.71 -6.24 5.70
C ASN A 383 11.97 -6.20 4.80
N THR A 384 11.98 -7.01 3.75
CA THR A 384 13.10 -7.01 2.80
C THR A 384 12.78 -6.06 1.65
N ALA A 385 13.76 -5.81 0.78
CA ALA A 385 13.55 -4.90 -0.36
C ALA A 385 12.44 -5.36 -1.33
N TRP A 386 11.89 -6.56 -1.11
CA TRP A 386 10.79 -7.11 -1.89
C TRP A 386 9.50 -6.32 -1.74
N VAL A 387 9.22 -5.89 -0.52
CA VAL A 387 7.97 -5.17 -0.22
C VAL A 387 7.94 -3.83 -0.92
N PRO A 388 9.05 -3.06 -0.88
CA PRO A 388 9.11 -1.87 -1.70
C PRO A 388 8.96 -2.24 -3.17
N GLY A 389 9.44 -3.42 -3.54
CA GLY A 389 9.23 -3.93 -4.89
C GLY A 389 7.74 -3.99 -5.17
N HIS A 390 7.02 -4.72 -4.30
CA HIS A 390 5.56 -4.90 -4.41
C HIS A 390 4.79 -3.60 -4.59
N PHE A 391 5.06 -2.60 -3.74
CA PHE A 391 4.17 -1.44 -3.73
C PHE A 391 4.49 -0.28 -4.66
N HIS A 392 5.69 -0.25 -5.24
CA HIS A 392 5.94 0.75 -6.27
C HIS A 392 5.23 0.41 -7.58
N LEU A 393 5.02 -0.88 -7.79
CA LEU A 393 4.21 -1.36 -8.89
C LEU A 393 2.74 -1.01 -8.63
N GLN A 394 2.39 -0.86 -7.36
CA GLN A 394 1.00 -0.62 -6.98
C GLN A 394 0.61 0.85 -6.86
N VAL A 395 1.28 1.59 -5.97
CA VAL A 395 0.90 2.98 -5.71
C VAL A 395 1.69 3.97 -6.57
N ALA A 396 2.97 3.70 -6.75
CA ALA A 396 3.85 4.61 -7.48
C ALA A 396 3.78 4.37 -8.98
N SER A 397 3.13 3.28 -9.36
CA SER A 397 2.87 3.00 -10.78
C SER A 397 1.40 3.28 -11.14
N LEU A 398 0.53 2.29 -10.90
CA LEU A 398 -0.88 2.41 -11.23
C LEU A 398 -1.47 3.73 -10.76
N VAL A 399 -1.50 3.95 -9.44
CA VAL A 399 -2.13 5.17 -8.88
C VAL A 399 -1.49 6.45 -9.41
N THR A 400 -0.17 6.56 -9.29
CA THR A 400 0.54 7.74 -9.77
C THR A 400 0.29 7.92 -11.28
N LEU A 401 0.53 6.89 -12.08
CA LEU A 401 0.36 7.03 -13.54
C LEU A 401 -1.06 7.43 -13.94
N THR A 402 -2.04 6.80 -13.31
CA THR A 402 -3.42 7.17 -13.51
C THR A 402 -3.61 8.66 -13.25
N ALA A 403 -3.17 9.11 -12.08
CA ALA A 403 -3.25 10.53 -11.67
C ALA A 403 -2.57 11.50 -12.66
N MET A 404 -1.33 11.17 -13.03
CA MET A 404 -0.56 11.92 -14.02
C MET A 404 -1.32 11.98 -15.32
N GLY A 405 -1.75 10.81 -15.79
CA GLY A 405 -2.52 10.69 -17.03
C GLY A 405 -3.79 11.53 -17.03
N SER A 406 -4.48 11.49 -15.89
CA SER A 406 -5.71 12.24 -15.70
C SER A 406 -5.51 13.74 -15.77
N LEU A 407 -4.26 14.18 -15.65
CA LEU A 407 -3.93 15.57 -15.89
C LEU A 407 -4.37 16.02 -17.26
N TYR A 408 -4.43 15.06 -18.17
CA TYR A 408 -4.69 15.38 -19.56
C TYR A 408 -6.14 15.69 -19.89
N TRP A 409 -7.06 15.26 -19.02
CA TRP A 409 -8.45 15.60 -19.24
C TRP A 409 -9.04 16.40 -18.09
N LEU A 410 -8.69 16.03 -16.86
CA LEU A 410 -9.25 16.71 -15.71
C LEU A 410 -8.81 18.17 -15.66
N LEU A 411 -7.52 18.37 -15.89
CA LEU A 411 -6.93 19.70 -15.82
C LEU A 411 -7.59 20.69 -16.80
N PRO A 412 -7.83 20.27 -18.07
CA PRO A 412 -8.63 21.10 -19.01
C PRO A 412 -10.03 21.47 -18.48
N ASN A 413 -10.75 20.45 -18.01
CA ASN A 413 -12.09 20.60 -17.48
C ASN A 413 -12.18 21.50 -16.26
N LEU A 414 -11.10 21.56 -15.49
CA LEU A 414 -11.09 22.39 -14.28
C LEU A 414 -10.71 23.86 -14.55
N THR A 415 -9.75 24.05 -15.45
CA THR A 415 -9.13 25.35 -15.64
C THR A 415 -9.48 26.03 -16.95
N GLY A 416 -9.99 25.25 -17.92
CA GLY A 416 -10.25 25.78 -19.26
C GLY A 416 -8.99 26.01 -20.08
N LYS A 417 -7.85 25.59 -19.55
CA LYS A 417 -6.64 25.66 -20.33
C LYS A 417 -6.58 24.36 -21.15
N PRO A 418 -6.45 24.48 -22.50
CA PRO A 418 -6.26 23.34 -23.44
C PRO A 418 -4.87 22.74 -23.31
N ILE A 419 -4.59 21.69 -24.08
CA ILE A 419 -3.27 21.08 -24.02
C ILE A 419 -2.64 21.06 -25.40
N SER A 420 -1.48 21.71 -25.51
CA SER A 420 -0.69 21.74 -26.76
C SER A 420 -0.22 20.33 -27.23
N ASP A 421 0.21 20.23 -28.49
CA ASP A 421 0.72 18.96 -28.99
C ASP A 421 2.10 18.66 -28.43
N ALA A 422 2.92 19.72 -28.33
CA ALA A 422 4.20 19.67 -27.60
C ALA A 422 4.06 19.05 -26.18
N GLN A 423 3.02 19.49 -25.45
CA GLN A 423 2.73 19.01 -24.10
C GLN A 423 2.19 17.57 -24.09
N ARG A 424 1.24 17.30 -24.98
CA ARG A 424 0.67 15.98 -25.11
C ARG A 424 1.73 14.92 -25.45
N ARG A 425 2.76 15.36 -26.19
CA ARG A 425 3.89 14.49 -26.47
C ARG A 425 4.88 14.41 -25.30
N LEU A 426 5.11 15.54 -24.64
CA LEU A 426 5.95 15.53 -23.44
C LEU A 426 5.38 14.55 -22.41
N GLY A 427 4.07 14.56 -22.24
CA GLY A 427 3.40 13.64 -21.35
C GLY A 427 3.68 12.19 -21.67
N LEU A 428 3.54 11.81 -22.93
CA LEU A 428 3.79 10.44 -23.38
C LEU A 428 5.21 9.95 -23.03
N ALA A 429 6.17 10.87 -23.16
CA ALA A 429 7.55 10.62 -22.73
C ALA A 429 7.60 10.39 -21.21
N VAL A 430 7.16 11.40 -20.43
CA VAL A 430 7.04 11.28 -18.97
C VAL A 430 6.44 9.93 -18.57
N VAL A 431 5.23 9.64 -19.07
CA VAL A 431 4.51 8.40 -18.78
C VAL A 431 5.29 7.11 -19.12
N TRP A 432 5.89 7.03 -20.31
CA TRP A 432 6.65 5.84 -20.71
C TRP A 432 7.89 5.66 -19.84
N LEU A 433 8.59 6.75 -19.59
CA LEU A 433 9.76 6.72 -18.72
C LEU A 433 9.40 6.27 -17.31
N TRP A 434 8.45 6.98 -16.67
CA TRP A 434 7.97 6.61 -15.34
C TRP A 434 7.65 5.13 -15.26
N PHE A 435 6.98 4.62 -16.28
CA PHE A 435 6.66 3.20 -16.35
C PHE A 435 7.91 2.34 -16.42
N LEU A 436 8.78 2.63 -17.39
CA LEU A 436 10.01 1.87 -17.58
C LEU A 436 10.92 1.93 -16.36
N GLY A 437 11.06 3.14 -15.81
CA GLY A 437 11.77 3.35 -14.55
C GLY A 437 11.23 2.52 -13.40
N MET A 438 9.91 2.48 -13.25
CA MET A 438 9.27 1.68 -12.19
C MET A 438 9.43 0.18 -12.40
N MET A 439 9.37 -0.27 -13.65
CA MET A 439 9.58 -1.70 -13.95
C MET A 439 10.97 -2.16 -13.58
N ILE A 440 11.97 -1.47 -14.14
CA ILE A 440 13.38 -1.72 -13.85
C ILE A 440 13.62 -1.81 -12.35
N MET A 441 13.14 -0.84 -11.59
CA MET A 441 13.29 -0.86 -10.15
C MET A 441 12.67 -2.10 -9.55
N ALA A 442 11.46 -2.43 -9.98
CA ALA A 442 10.72 -3.53 -9.36
C ALA A 442 11.52 -4.81 -9.34
N VAL A 443 12.17 -5.10 -10.46
CA VAL A 443 13.05 -6.26 -10.62
C VAL A 443 14.26 -6.20 -9.67
N GLY A 444 14.87 -5.00 -9.59
CA GLY A 444 15.93 -4.73 -8.63
C GLY A 444 15.52 -5.01 -7.20
N LEU A 445 14.39 -4.44 -6.78
CA LEU A 445 13.91 -4.60 -5.41
C LEU A 445 13.32 -5.97 -5.08
N HIS A 446 12.63 -6.61 -6.02
CA HIS A 446 12.11 -7.97 -5.80
C HIS A 446 13.29 -8.93 -5.75
N TRP A 447 14.24 -8.75 -6.68
CA TRP A 447 15.49 -9.50 -6.70
C TRP A 447 16.24 -9.34 -5.37
N ALA A 448 16.62 -8.08 -5.08
CA ALA A 448 17.35 -7.75 -3.87
C ALA A 448 16.67 -8.34 -2.65
N GLY A 449 15.34 -8.39 -2.70
CA GLY A 449 14.50 -8.87 -1.60
C GLY A 449 14.54 -10.37 -1.43
N LEU A 450 14.70 -11.07 -2.54
CA LEU A 450 14.94 -12.51 -2.50
C LEU A 450 16.34 -12.81 -1.95
N LEU A 451 17.23 -11.83 -2.04
CA LEU A 451 18.59 -11.95 -1.52
C LEU A 451 18.72 -11.37 -0.12
N ASN A 452 17.62 -11.16 0.56
CA ASN A 452 17.68 -10.74 1.95
C ASN A 452 18.08 -9.28 2.24
N VAL A 453 18.20 -8.43 1.21
CA VAL A 453 18.47 -7.00 1.46
C VAL A 453 17.26 -6.43 2.22
N PRO A 454 17.49 -5.94 3.46
CA PRO A 454 16.40 -5.40 4.27
C PRO A 454 15.97 -4.03 3.76
N ARG A 455 14.67 -3.73 3.92
CA ARG A 455 14.19 -2.42 3.53
C ARG A 455 14.35 -1.44 4.69
N ARG A 456 14.25 -0.15 4.38
CA ARG A 456 14.41 0.91 5.37
C ARG A 456 15.84 0.94 5.87
N ALA A 457 16.79 0.79 4.95
CA ALA A 457 18.21 0.77 5.29
C ALA A 457 19.11 1.60 4.35
N TYR A 458 20.01 2.39 4.94
CA TYR A 458 20.98 3.21 4.21
C TYR A 458 22.14 2.33 3.70
N ILE A 459 21.85 1.36 2.82
CA ILE A 459 22.82 0.28 2.53
C ILE A 459 24.08 0.68 1.80
N ALA A 460 24.05 1.84 1.14
CA ALA A 460 25.27 2.36 0.52
C ALA A 460 26.32 2.72 1.58
N GLN A 461 25.85 3.05 2.79
CA GLN A 461 26.75 3.41 3.86
C GLN A 461 27.46 2.19 4.46
N VAL A 462 26.97 0.99 4.15
CA VAL A 462 27.77 -0.24 4.36
C VAL A 462 27.99 -1.00 3.03
N PRO A 463 28.88 -0.47 2.15
CA PRO A 463 29.10 -0.97 0.80
C PRO A 463 29.42 -2.47 0.69
N ASP A 464 29.96 -3.07 1.74
CA ASP A 464 30.40 -4.46 1.65
C ASP A 464 29.43 -5.49 2.22
N ALA A 465 28.33 -5.01 2.81
CA ALA A 465 27.39 -5.88 3.52
C ALA A 465 26.67 -6.86 2.62
N TYR A 466 26.22 -6.39 1.45
CA TYR A 466 25.36 -7.21 0.58
C TYR A 466 25.96 -7.37 -0.81
N PRO A 467 27.11 -8.07 -0.91
CA PRO A 467 27.76 -8.12 -2.24
C PRO A 467 27.00 -9.05 -3.20
N HIS A 468 26.17 -9.91 -2.62
CA HIS A 468 25.46 -10.88 -3.42
C HIS A 468 24.36 -10.23 -4.27
N ALA A 469 24.01 -8.99 -3.94
CA ALA A 469 23.02 -8.21 -4.72
C ALA A 469 23.71 -7.39 -5.81
N ALA A 470 24.79 -7.94 -6.33
CA ALA A 470 25.60 -7.32 -7.36
C ALA A 470 24.75 -6.76 -8.52
N VAL A 471 24.08 -7.64 -9.26
CA VAL A 471 23.36 -7.25 -10.48
C VAL A 471 22.02 -6.50 -10.28
N PRO A 472 21.22 -6.94 -9.28
CA PRO A 472 20.04 -6.13 -9.02
C PRO A 472 20.42 -4.68 -8.69
N MET A 473 21.46 -4.49 -7.89
CA MET A 473 22.00 -3.15 -7.64
C MET A 473 22.24 -2.31 -8.91
N VAL A 474 22.64 -2.98 -10.00
CA VAL A 474 22.78 -2.33 -11.31
C VAL A 474 21.44 -1.78 -11.78
N PHE A 475 20.40 -2.62 -11.67
CA PHE A 475 19.04 -2.22 -12.04
C PHE A 475 18.55 -1.05 -11.20
N ASN A 476 18.68 -1.19 -9.88
CA ASN A 476 18.26 -0.13 -8.97
C ASN A 476 18.95 1.18 -9.34
N VAL A 477 20.22 1.09 -9.75
CA VAL A 477 20.96 2.27 -10.22
C VAL A 477 20.31 2.81 -11.49
N LEU A 478 20.09 1.93 -12.46
CA LEU A 478 19.55 2.35 -13.74
C LEU A 478 18.21 3.08 -13.56
N ALA A 479 17.31 2.46 -12.80
CA ALA A 479 15.99 3.03 -12.45
C ALA A 479 16.06 4.45 -11.85
N GLY A 480 16.97 4.65 -10.89
CA GLY A 480 17.21 5.96 -10.32
C GLY A 480 17.48 7.04 -11.36
N ILE A 481 18.24 6.69 -12.39
CA ILE A 481 18.58 7.64 -13.45
C ILE A 481 17.35 7.90 -14.31
N VAL A 482 16.69 6.82 -14.74
CA VAL A 482 15.51 6.91 -15.61
C VAL A 482 14.39 7.71 -14.95
N LEU A 483 14.15 7.43 -13.66
CA LEU A 483 13.05 8.04 -12.92
C LEU A 483 13.32 9.50 -12.57
N LEU A 484 14.58 9.85 -12.32
CA LEU A 484 14.99 11.25 -12.10
C LEU A 484 14.72 12.12 -13.34
N VAL A 485 15.08 11.58 -14.51
CA VAL A 485 14.74 12.20 -15.79
C VAL A 485 13.23 12.44 -15.86
N ALA A 486 12.48 11.33 -15.74
CA ALA A 486 11.01 11.31 -15.79
C ALA A 486 10.42 12.38 -14.88
N LEU A 487 10.87 12.39 -13.62
CA LEU A 487 10.44 13.37 -12.63
C LEU A 487 10.70 14.81 -13.06
N LEU A 488 11.91 15.07 -13.61
CA LEU A 488 12.27 16.42 -14.08
C LEU A 488 11.39 16.86 -15.22
N LEU A 489 11.22 15.97 -16.21
CA LEU A 489 10.30 16.21 -17.33
C LEU A 489 8.87 16.43 -16.88
N PHE A 490 8.43 15.66 -15.89
CA PHE A 490 7.10 15.84 -15.35
C PHE A 490 6.98 17.22 -14.71
N ILE A 491 7.92 17.60 -13.85
CA ILE A 491 7.85 18.93 -13.22
C ILE A 491 7.76 19.99 -14.32
N TYR A 492 8.55 19.79 -15.37
CA TYR A 492 8.57 20.69 -16.52
C TYR A 492 7.18 20.86 -17.16
N GLY A 493 6.59 19.72 -17.53
CA GLY A 493 5.28 19.65 -18.22
C GLY A 493 4.06 20.06 -17.42
N LEU A 494 4.02 19.68 -16.15
CA LEU A 494 2.97 20.13 -15.25
C LEU A 494 3.00 21.67 -15.10
N PHE A 495 4.19 22.23 -14.88
CA PHE A 495 4.30 23.67 -14.72
C PHE A 495 4.04 24.41 -16.04
N SER A 496 4.45 23.80 -17.16
CA SER A 496 4.12 24.39 -18.48
C SER A 496 2.58 24.51 -18.69
N VAL A 497 1.82 23.51 -18.24
CA VAL A 497 0.35 23.53 -18.29
C VAL A 497 -0.24 24.49 -17.24
N LEU A 498 0.38 24.53 -16.05
CA LEU A 498 -0.06 25.42 -14.97
C LEU A 498 0.49 26.86 -15.09
N LEU A 499 1.36 27.09 -16.08
CA LEU A 499 1.99 28.40 -16.21
C LEU A 499 1.69 29.11 -17.56
N SER A 500 0.94 28.44 -18.44
CA SER A 500 0.42 29.11 -19.64
C SER A 500 -0.82 29.95 -19.29
N ARG A 501 -1.01 31.04 -20.06
CA ARG A 501 -2.19 31.93 -19.92
C ARG A 501 -3.30 31.63 -20.94
N GLU A 502 -2.99 30.72 -21.88
CA GLU A 502 -3.98 30.06 -22.77
C GLU A 502 -5.27 29.59 -22.03
N ARG A 503 -6.37 30.38 -22.12
CA ARG A 503 -7.67 29.98 -21.51
C ARG A 503 -8.88 30.06 -22.47
N LYS A 504 -9.35 28.86 -22.84
CA LYS A 504 -10.69 28.62 -23.42
C LYS A 504 -11.72 28.22 -22.32
N PRO A 505 -12.47 29.23 -21.76
CA PRO A 505 -13.50 28.92 -20.70
C PRO A 505 -14.62 27.89 -21.09
N GLU A 506 -14.76 27.61 -22.41
CA GLU A 506 -15.73 26.64 -23.01
C GLU A 506 -15.36 25.13 -22.86
N LEU A 507 -14.06 24.83 -22.95
CA LEU A 507 -13.54 23.48 -22.68
C LEU A 507 -13.54 23.21 -21.15
N ALA A 508 -13.50 24.32 -20.38
CA ALA A 508 -13.74 24.30 -18.92
C ALA A 508 -15.21 23.98 -18.58
N GLU A 509 -16.13 24.33 -19.49
CA GLU A 509 -17.54 24.00 -19.30
C GLU A 509 -17.96 22.73 -20.05
N ALA A 510 -17.00 22.09 -20.75
CA ALA A 510 -17.18 20.75 -21.35
C ALA A 510 -17.61 19.69 -20.27
N PRO A 511 -18.40 18.67 -20.66
CA PRO A 511 -18.67 17.57 -19.69
C PRO A 511 -17.42 16.66 -19.51
N LEU A 512 -17.28 16.01 -18.35
CA LEU A 512 -16.22 15.03 -18.15
C LEU A 512 -16.44 13.91 -19.13
N PRO A 513 -15.35 13.33 -19.66
CA PRO A 513 -15.49 12.25 -20.63
C PRO A 513 -15.88 10.92 -19.97
N PHE A 514 -17.01 10.93 -19.26
CA PHE A 514 -17.59 9.72 -18.67
C PHE A 514 -17.93 8.77 -19.79
N ALA A 515 -17.75 7.48 -19.52
CA ALA A 515 -18.00 6.43 -20.49
C ALA A 515 -19.34 5.80 -20.23
N GLU A 516 -19.99 5.39 -21.31
CA GLU A 516 -21.29 4.76 -21.21
C GLU A 516 -21.15 3.28 -20.96
N VAL A 517 -22.22 2.68 -20.51
CA VAL A 517 -22.12 1.35 -19.98
C VAL A 517 -23.10 0.44 -20.71
N ILE A 518 -22.59 -0.66 -21.27
CA ILE A 518 -23.46 -1.75 -21.75
C ILE A 518 -24.28 -2.29 -20.56
N SER A 519 -25.61 -2.23 -20.68
CA SER A 519 -26.47 -2.80 -19.66
C SER A 519 -27.14 -4.10 -20.17
N GLY A 520 -27.39 -5.04 -19.26
CA GLY A 520 -28.11 -6.26 -19.59
C GLY A 520 -29.44 -6.40 -18.85
N PRO A 521 -30.15 -7.53 -19.09
CA PRO A 521 -31.44 -7.76 -18.40
C PRO A 521 -31.23 -8.07 -16.92
N GLU A 522 -30.34 -9.06 -16.67
CA GLU A 522 -29.98 -9.59 -15.35
C GLU A 522 -29.43 -8.53 -14.37
N ASP A 523 -29.06 -7.37 -14.91
CA ASP A 523 -28.57 -6.22 -14.14
C ASP A 523 -29.49 -5.88 -13.00
N ARG A 524 -30.64 -5.32 -13.36
CA ARG A 524 -31.64 -4.85 -12.42
C ARG A 524 -31.54 -5.48 -11.01
N ARG A 525 -31.95 -6.76 -10.90
CA ARG A 525 -32.13 -7.46 -9.62
C ARG A 525 -30.83 -7.53 -8.83
N LEU A 526 -29.75 -7.84 -9.56
CA LEU A 526 -28.41 -7.78 -9.03
C LEU A 526 -28.13 -6.36 -8.46
N VAL A 527 -28.19 -5.34 -9.31
CA VAL A 527 -27.84 -3.96 -8.94
C VAL A 527 -28.67 -3.43 -7.77
N LEU A 528 -29.95 -3.78 -7.80
CA LEU A 528 -30.88 -3.45 -6.76
C LEU A 528 -30.37 -3.93 -5.42
N ALA A 529 -30.00 -5.22 -5.36
CA ALA A 529 -29.56 -5.84 -4.11
C ALA A 529 -28.32 -5.15 -3.55
N MET A 530 -27.49 -4.66 -4.46
CA MET A 530 -26.24 -4.02 -4.06
C MET A 530 -26.46 -2.59 -3.56
N ASP A 531 -27.55 -1.95 -4.01
CA ASP A 531 -27.86 -0.59 -3.61
C ASP A 531 -28.41 -0.53 -2.20
N ARG A 532 -28.51 -1.70 -1.57
CA ARG A 532 -28.88 -1.80 -0.15
C ARG A 532 -27.70 -1.36 0.77
N ILE A 533 -27.27 -0.12 0.60
CA ILE A 533 -26.05 0.41 1.23
C ILE A 533 -26.07 0.36 2.76
N GLY A 534 -27.21 0.68 3.35
CA GLY A 534 -27.35 0.66 4.79
C GLY A 534 -27.06 -0.72 5.37
N PHE A 535 -27.52 -1.75 4.67
CA PHE A 535 -27.34 -3.13 5.14
C PHE A 535 -25.89 -3.61 5.00
N TRP A 536 -25.33 -3.40 3.81
CA TRP A 536 -23.97 -3.77 3.53
C TRP A 536 -22.94 -3.10 4.43
N PHE A 537 -23.23 -1.87 4.85
CA PHE A 537 -22.38 -1.12 5.80
C PHE A 537 -22.38 -1.76 7.19
N ALA A 538 -23.54 -2.25 7.61
CA ALA A 538 -23.69 -2.94 8.88
C ALA A 538 -22.93 -4.27 8.87
N VAL A 539 -23.00 -4.98 7.75
CA VAL A 539 -22.26 -6.22 7.54
C VAL A 539 -20.77 -5.90 7.57
N ALA A 540 -20.40 -4.80 6.90
CA ALA A 540 -19.00 -4.40 6.85
C ALA A 540 -18.46 -4.29 8.26
N ALA A 541 -19.25 -3.64 9.13
CA ALA A 541 -18.85 -3.34 10.50
C ALA A 541 -18.82 -4.54 11.44
N ILE A 542 -19.70 -5.50 11.22
CA ILE A 542 -19.71 -6.70 12.04
C ILE A 542 -18.44 -7.47 11.77
N LEU A 543 -18.03 -7.55 10.51
CA LEU A 543 -16.76 -8.17 10.11
C LEU A 543 -15.54 -7.63 10.88
N VAL A 544 -15.41 -6.29 10.92
CA VAL A 544 -14.34 -5.61 11.66
C VAL A 544 -14.34 -6.02 13.14
N VAL A 545 -15.54 -6.01 13.75
CA VAL A 545 -15.71 -6.45 15.13
C VAL A 545 -15.35 -7.93 15.28
N LEU A 546 -15.77 -8.76 14.32
CA LEU A 546 -15.48 -10.18 14.41
C LEU A 546 -14.01 -10.49 14.13
N ALA A 547 -13.37 -9.70 13.27
CA ALA A 547 -11.97 -9.90 12.89
C ALA A 547 -10.99 -9.36 13.94
N TYR A 548 -11.32 -8.18 14.46
CA TYR A 548 -10.44 -7.48 15.37
C TYR A 548 -10.81 -7.64 16.82
N GLY A 549 -12.11 -7.60 17.09
CA GLY A 549 -12.65 -7.65 18.46
C GLY A 549 -11.92 -8.58 19.41
N PRO A 550 -11.99 -9.92 19.14
CA PRO A 550 -11.37 -10.95 20.00
C PRO A 550 -9.93 -10.63 20.44
N THR A 551 -9.12 -10.12 19.50
CA THR A 551 -7.73 -9.77 19.75
C THR A 551 -7.60 -8.45 20.47
N LEU A 552 -8.25 -7.41 19.94
CA LEU A 552 -8.22 -6.11 20.57
C LEU A 552 -8.57 -6.14 22.05
N VAL A 553 -9.59 -6.91 22.41
CA VAL A 553 -9.99 -7.04 23.83
C VAL A 553 -8.85 -7.62 24.66
N GLN A 554 -8.22 -8.70 24.16
CA GLN A 554 -7.12 -9.39 24.83
C GLN A 554 -5.85 -8.58 24.94
N LEU A 555 -5.55 -7.76 23.93
CA LEU A 555 -4.42 -6.85 24.05
C LEU A 555 -4.70 -5.72 25.04
N PHE A 556 -5.94 -5.21 25.01
CA PHE A 556 -6.34 -4.15 25.93
C PHE A 556 -6.40 -4.65 27.35
N GLY A 557 -6.62 -5.97 27.54
CA GLY A 557 -6.64 -6.59 28.87
C GLY A 557 -5.28 -6.60 29.55
N HIS A 558 -4.24 -6.55 28.71
CA HIS A 558 -2.87 -6.72 29.16
C HIS A 558 -1.92 -5.59 28.70
N LEU A 559 -2.40 -4.34 28.75
CA LEU A 559 -1.55 -3.21 28.35
C LEU A 559 -0.15 -3.21 28.98
N ASN A 560 0.86 -2.99 28.14
CA ASN A 560 2.24 -2.92 28.61
C ASN A 560 2.98 -1.77 27.96
N PRO A 561 2.63 -0.53 28.35
CA PRO A 561 3.22 0.68 27.76
C PRO A 561 4.73 0.77 27.98
N VAL A 562 5.48 1.19 26.97
CA VAL A 562 6.91 1.36 27.14
C VAL A 562 7.30 2.80 26.85
N PRO A 563 8.35 3.32 27.52
CA PRO A 563 8.77 4.71 27.28
C PRO A 563 9.24 4.95 25.85
N GLY A 564 9.18 6.22 25.45
CA GLY A 564 9.55 6.63 24.11
C GLY A 564 11.03 6.84 23.94
N TRP A 565 11.47 6.89 22.69
CA TRP A 565 12.88 6.99 22.36
C TRP A 565 13.07 7.87 21.16
N ARG A 566 14.17 8.61 21.13
CA ARG A 566 14.58 9.29 19.93
C ARG A 566 15.96 8.77 19.56
N LEU A 567 16.10 8.23 18.35
CA LEU A 567 17.36 7.64 17.90
C LEU A 567 17.80 8.15 16.52
N TRP A 568 17.52 9.43 16.28
CA TRP A 568 18.00 10.07 15.08
C TRP A 568 18.52 11.46 15.47
N ASP B 1 -24.04 -8.32 -31.50
CA ASP B 1 -23.02 -7.27 -31.20
C ASP B 1 -23.48 -6.37 -30.06
N GLU B 2 -22.49 -6.04 -29.21
CA GLU B 2 -22.65 -5.16 -28.02
C GLU B 2 -23.53 -5.77 -26.91
N HIS B 3 -24.79 -6.09 -27.26
CA HIS B 3 -25.69 -6.80 -26.37
C HIS B 3 -25.38 -8.32 -26.36
N LYS B 4 -24.92 -8.81 -27.51
CA LYS B 4 -24.26 -10.14 -27.62
C LYS B 4 -23.01 -10.19 -26.71
N ALA B 5 -22.09 -9.24 -26.96
CA ALA B 5 -20.87 -9.08 -26.17
C ALA B 5 -21.16 -9.06 -24.67
N HIS B 6 -22.30 -8.51 -24.25
CA HIS B 6 -22.66 -8.43 -22.82
C HIS B 6 -22.86 -9.81 -22.18
N LYS B 7 -23.55 -10.69 -22.89
CA LYS B 7 -23.81 -12.05 -22.38
C LYS B 7 -22.54 -12.90 -22.32
N ALA B 8 -21.77 -12.84 -23.42
CA ALA B 8 -20.47 -13.54 -23.54
C ALA B 8 -19.53 -13.16 -22.41
N ILE B 9 -19.30 -11.85 -22.25
CA ILE B 9 -18.48 -11.31 -21.17
C ILE B 9 -18.95 -11.81 -19.79
N LEU B 10 -20.17 -11.44 -19.38
CA LEU B 10 -20.74 -11.92 -18.11
C LEU B 10 -20.72 -13.45 -17.89
N ALA B 11 -20.87 -14.23 -18.96
CA ALA B 11 -20.64 -15.67 -18.87
C ALA B 11 -19.18 -15.94 -18.46
N TYR B 12 -18.25 -15.60 -19.36
CA TYR B 12 -16.82 -15.87 -19.17
C TYR B 12 -16.33 -15.29 -17.84
N GLU B 13 -17.03 -14.26 -17.35
CA GLU B 13 -16.73 -13.62 -16.07
C GLU B 13 -17.03 -14.52 -14.86
N LYS B 14 -18.18 -15.18 -14.87
CA LYS B 14 -18.50 -16.13 -13.80
C LYS B 14 -17.46 -17.24 -13.82
N GLY B 15 -17.13 -17.71 -15.03
CA GLY B 15 -16.14 -18.77 -15.21
C GLY B 15 -14.85 -18.43 -14.50
N TRP B 16 -14.24 -17.33 -14.93
CA TRP B 16 -13.02 -16.77 -14.36
C TRP B 16 -13.05 -16.66 -12.83
N LEU B 17 -14.14 -16.11 -12.31
CA LEU B 17 -14.40 -16.04 -10.88
C LEU B 17 -14.30 -17.37 -10.15
N ALA B 18 -15.07 -18.36 -10.60
CA ALA B 18 -15.08 -19.71 -10.04
C ALA B 18 -13.69 -20.36 -10.10
N PHE B 19 -12.98 -20.16 -11.23
CA PHE B 19 -11.59 -20.65 -11.40
C PHE B 19 -10.63 -19.99 -10.42
N SER B 20 -10.84 -18.68 -10.20
CA SER B 20 -10.00 -17.90 -9.26
C SER B 20 -10.15 -18.29 -7.78
N LEU B 21 -11.39 -18.40 -7.31
CA LEU B 21 -11.65 -18.96 -5.98
C LEU B 21 -10.96 -20.31 -5.85
N ALA B 22 -11.23 -21.18 -6.84
CA ALA B 22 -10.68 -22.53 -6.86
C ALA B 22 -9.19 -22.47 -6.65
N MET B 23 -8.55 -21.53 -7.34
CA MET B 23 -7.10 -21.35 -7.22
C MET B 23 -6.66 -20.74 -5.89
N LEU B 24 -7.49 -19.86 -5.34
CA LEU B 24 -7.20 -19.37 -4.01
C LEU B 24 -7.31 -20.50 -2.98
N PHE B 25 -8.34 -21.34 -3.13
CA PHE B 25 -8.56 -22.43 -2.18
C PHE B 25 -7.44 -23.46 -2.19
N VAL B 26 -6.85 -23.62 -3.36
CA VAL B 26 -5.63 -24.38 -3.49
C VAL B 26 -4.49 -23.75 -2.65
N PHE B 27 -4.34 -22.42 -2.67
CA PHE B 27 -3.31 -21.77 -1.85
C PHE B 27 -3.64 -21.91 -0.39
N ILE B 28 -4.93 -21.76 -0.06
CA ILE B 28 -5.40 -21.95 1.32
C ILE B 28 -5.00 -23.33 1.87
N ALA B 29 -5.14 -24.35 1.01
CA ALA B 29 -4.75 -25.72 1.32
C ALA B 29 -3.25 -25.83 1.61
N LEU B 30 -2.44 -25.41 0.65
CA LEU B 30 -0.98 -25.50 0.76
C LEU B 30 -0.38 -24.76 1.93
N ILE B 31 -0.99 -23.64 2.33
CA ILE B 31 -0.56 -22.90 3.50
C ILE B 31 -0.91 -23.72 4.72
N ALA B 32 -2.10 -24.33 4.70
CA ALA B 32 -2.54 -25.17 5.80
C ALA B 32 -1.55 -26.32 6.01
N TYR B 33 -0.96 -26.77 4.89
CA TYR B 33 0.02 -27.84 4.93
C TYR B 33 1.24 -27.44 5.75
N THR B 34 1.83 -26.27 5.45
CA THR B 34 3.05 -25.80 6.12
C THR B 34 2.81 -25.54 7.59
N LEU B 35 1.57 -25.20 7.94
CA LEU B 35 1.15 -25.03 9.33
C LEU B 35 1.24 -26.33 10.09
N ALA B 36 1.03 -27.43 9.39
CA ALA B 36 1.07 -28.73 10.03
C ALA B 36 2.47 -29.34 10.10
N THR B 37 3.42 -28.86 9.30
CA THR B 37 4.78 -29.45 9.25
C THR B 37 5.69 -28.88 10.32
N HIS B 38 6.95 -29.34 10.30
CA HIS B 38 8.01 -28.82 11.16
C HIS B 38 8.30 -27.32 10.91
N THR B 39 8.09 -26.87 9.66
CA THR B 39 8.46 -25.52 9.21
C THR B 39 7.56 -24.41 9.76
N ALA B 40 6.42 -24.79 10.32
CA ALA B 40 5.52 -23.86 11.00
C ALA B 40 6.11 -23.35 12.30
N GLY B 41 7.34 -23.74 12.58
CA GLY B 41 8.03 -23.41 13.82
C GLY B 41 8.40 -21.95 13.94
N VAL B 42 8.62 -21.30 12.78
CA VAL B 42 8.97 -19.88 12.75
C VAL B 42 7.80 -18.93 13.02
N ILE B 43 6.57 -19.45 13.08
CA ILE B 43 5.40 -18.67 13.46
C ILE B 43 5.43 -18.30 14.94
N PRO B 44 5.48 -16.97 15.24
CA PRO B 44 5.61 -16.43 16.59
C PRO B 44 4.63 -17.02 17.57
N ALA B 45 5.02 -17.06 18.85
CA ALA B 45 4.18 -17.61 19.91
C ALA B 45 2.93 -16.77 19.99
N GLY B 46 1.81 -17.46 20.13
CA GLY B 46 0.50 -16.79 20.17
C GLY B 46 0.33 -15.99 21.43
N LYS B 47 0.89 -16.54 22.52
CA LYS B 47 0.65 -16.05 23.87
C LYS B 47 1.33 -14.72 24.18
N LEU B 48 0.59 -13.86 24.87
CA LEU B 48 1.16 -12.67 25.46
C LEU B 48 2.11 -12.99 26.60
N GLU B 49 3.34 -12.51 26.48
CA GLU B 49 4.35 -12.71 27.51
C GLU B 49 4.97 -11.36 27.76
N ARG B 50 4.45 -10.66 28.75
CA ARG B 50 4.88 -9.29 29.03
C ARG B 50 6.15 -9.22 29.88
N VAL B 51 7.07 -8.34 29.47
CA VAL B 51 8.26 -8.07 30.25
C VAL B 51 8.50 -6.60 30.28
N ASP B 52 9.28 -6.15 31.26
CA ASP B 52 9.63 -4.76 31.37
C ASP B 52 10.90 -4.57 30.56
N PRO B 53 10.89 -3.61 29.62
CA PRO B 53 12.08 -3.34 28.80
C PRO B 53 13.17 -2.48 29.50
N THR B 54 12.85 -1.84 30.64
CA THR B 54 13.85 -1.02 31.38
C THR B 54 14.62 -1.82 32.44
N THR B 55 14.30 -3.10 32.57
CA THR B 55 14.91 -3.94 33.59
C THR B 55 15.30 -5.29 32.98
N VAL B 56 15.14 -5.39 31.67
CA VAL B 56 15.40 -6.66 30.99
C VAL B 56 16.88 -7.03 31.19
N ARG B 57 17.76 -6.03 31.12
CA ARG B 57 19.19 -6.27 31.28
C ARG B 57 19.78 -5.82 32.65
N GLN B 58 18.99 -5.88 33.72
CA GLN B 58 19.57 -5.80 35.06
C GLN B 58 19.20 -7.06 35.84
N GLU B 59 18.00 -7.57 35.58
CA GLU B 59 17.45 -8.77 36.23
C GLU B 59 16.70 -9.62 35.18
N GLY B 60 16.95 -10.93 35.21
CA GLY B 60 16.17 -11.88 34.41
C GLY B 60 16.97 -12.67 33.39
N PRO B 61 16.26 -13.48 32.57
CA PRO B 61 16.87 -14.38 31.56
C PRO B 61 17.86 -13.69 30.58
N TRP B 62 17.66 -12.38 30.36
CA TRP B 62 18.42 -11.62 29.38
C TRP B 62 19.48 -10.75 30.03
N ALA B 63 19.59 -10.82 31.34
CA ALA B 63 20.59 -10.04 32.06
C ALA B 63 22.01 -10.41 31.60
N ASP B 64 22.42 -11.63 31.95
CA ASP B 64 23.77 -12.15 31.69
C ASP B 64 23.78 -12.93 30.36
N PRO B 65 24.58 -12.44 29.38
CA PRO B 65 24.72 -13.03 28.03
C PRO B 65 25.32 -14.43 28.07
N ALA B 66 26.01 -14.72 29.18
CA ALA B 66 26.64 -16.02 29.50
C ALA B 66 25.63 -17.03 30.03
N GLN B 67 24.40 -16.56 30.25
CA GLN B 67 23.27 -17.45 30.61
C GLN B 67 22.25 -17.57 29.47
N ALA B 68 22.55 -16.90 28.37
CA ALA B 68 21.65 -16.82 27.22
C ALA B 68 21.14 -18.16 26.74
N VAL B 69 22.05 -19.08 26.44
CA VAL B 69 21.64 -20.40 26.01
C VAL B 69 21.28 -21.22 27.24
N VAL B 70 20.25 -22.07 27.16
CA VAL B 70 19.87 -23.02 28.26
C VAL B 70 19.10 -24.26 27.78
N GLN B 71 19.77 -25.43 27.77
CA GLN B 71 19.14 -26.70 27.33
C GLN B 71 17.91 -26.99 28.18
N THR B 72 16.81 -27.21 27.47
CA THR B 72 15.50 -27.28 28.11
C THR B 72 14.72 -28.55 27.74
N GLY B 73 15.18 -29.29 26.72
CA GLY B 73 14.64 -30.63 26.41
C GLY B 73 15.79 -31.60 26.11
N PRO B 74 15.44 -32.84 25.68
CA PRO B 74 16.46 -33.80 25.21
C PRO B 74 17.23 -33.29 23.98
N ASN B 75 16.52 -32.63 23.06
CA ASN B 75 17.15 -32.00 21.90
C ASN B 75 16.78 -30.52 21.76
N GLN B 76 16.24 -29.95 22.85
CA GLN B 76 15.73 -28.58 22.86
C GLN B 76 16.60 -27.59 23.70
N TYR B 77 16.80 -26.39 23.14
CA TYR B 77 17.72 -25.39 23.70
C TYR B 77 17.11 -23.99 23.59
N THR B 78 16.78 -23.39 24.73
CA THR B 78 16.20 -22.07 24.71
C THR B 78 17.28 -21.01 24.67
N VAL B 79 17.26 -20.16 23.66
CA VAL B 79 18.24 -19.07 23.53
C VAL B 79 17.64 -17.67 23.79
N TYR B 80 18.02 -17.08 24.92
CA TYR B 80 17.47 -15.77 25.29
C TYR B 80 18.27 -14.65 24.64
N VAL B 81 17.73 -14.11 23.55
CA VAL B 81 18.43 -13.08 22.76
C VAL B 81 17.85 -11.74 23.08
N LEU B 82 18.67 -10.70 22.90
CA LEU B 82 18.31 -9.32 23.17
C LEU B 82 18.68 -8.41 22.01
N ALA B 83 17.67 -7.92 21.29
CA ALA B 83 17.88 -6.99 20.18
C ALA B 83 17.73 -5.57 20.71
N PHE B 84 18.81 -4.80 20.63
CA PHE B 84 18.87 -3.49 21.26
C PHE B 84 19.38 -2.52 20.23
N ALA B 85 19.30 -1.21 20.54
CA ALA B 85 19.75 -0.19 19.61
C ALA B 85 21.15 -0.49 19.07
N PHE B 86 21.15 -1.08 17.88
CA PHE B 86 22.33 -1.37 17.04
C PHE B 86 23.18 -2.58 17.42
N GLY B 87 22.54 -3.68 17.79
CA GLY B 87 23.27 -4.92 18.02
C GLY B 87 22.45 -6.02 18.70
N TYR B 88 23.02 -7.22 18.75
CA TYR B 88 22.36 -8.39 19.32
C TYR B 88 23.20 -9.03 20.42
N GLN B 89 22.51 -9.61 21.39
CA GLN B 89 23.12 -10.27 22.54
C GLN B 89 22.38 -11.60 22.71
N PRO B 90 23.11 -12.72 22.73
CA PRO B 90 24.57 -12.77 22.62
C PRO B 90 25.11 -12.69 21.17
N ASN B 91 26.30 -12.10 21.02
CA ASN B 91 27.01 -12.07 19.76
C ASN B 91 28.36 -12.81 19.91
N PRO B 92 28.51 -14.02 19.32
CA PRO B 92 27.48 -14.72 18.56
C PRO B 92 26.58 -15.54 19.49
N ILE B 93 25.44 -15.99 18.95
CA ILE B 93 24.67 -17.04 19.58
C ILE B 93 25.28 -18.35 19.10
N GLU B 94 25.57 -19.24 20.04
CA GLU B 94 26.30 -20.46 19.69
C GLU B 94 25.46 -21.70 19.98
N VAL B 95 25.04 -22.36 18.90
CA VAL B 95 24.04 -23.42 18.99
C VAL B 95 24.44 -24.72 18.26
N PRO B 96 23.81 -25.85 18.66
CA PRO B 96 24.10 -27.12 18.00
C PRO B 96 23.19 -27.48 16.82
N GLN B 97 23.74 -28.21 15.85
CA GLN B 97 22.92 -28.65 14.72
C GLN B 97 21.93 -29.72 15.05
N GLY B 98 20.86 -29.76 14.27
CA GLY B 98 19.86 -30.81 14.43
C GLY B 98 19.21 -30.78 15.81
N ALA B 99 19.45 -29.72 16.55
CA ALA B 99 18.70 -29.48 17.77
C ALA B 99 17.63 -28.44 17.48
N GLU B 100 16.49 -28.59 18.16
CA GLU B 100 15.41 -27.63 18.03
C GLU B 100 15.64 -26.40 18.90
N ILE B 101 16.18 -25.35 18.29
CA ILE B 101 16.48 -24.13 19.05
C ILE B 101 15.22 -23.30 19.21
N VAL B 102 14.87 -23.00 20.46
CA VAL B 102 13.78 -22.10 20.74
C VAL B 102 14.33 -20.72 21.06
N PHE B 103 14.14 -19.76 20.16
CA PHE B 103 14.55 -18.40 20.41
C PHE B 103 13.46 -17.68 21.21
N LYS B 104 13.89 -16.92 22.22
CA LYS B 104 13.00 -16.05 23.01
C LYS B 104 13.61 -14.65 23.06
N ILE B 105 13.09 -13.79 22.20
CA ILE B 105 13.77 -12.54 21.85
C ILE B 105 12.99 -11.32 22.33
N THR B 106 13.68 -10.28 22.77
CA THR B 106 13.02 -9.05 23.18
C THR B 106 13.92 -7.83 22.98
N SER B 107 13.41 -6.66 23.31
CA SER B 107 14.14 -5.39 23.14
C SER B 107 13.98 -4.49 24.34
N PRO B 108 15.05 -3.77 24.70
CA PRO B 108 14.98 -2.85 25.82
C PRO B 108 14.66 -1.41 25.39
N ASP B 109 14.61 -1.19 24.09
CA ASP B 109 14.42 0.15 23.55
C ASP B 109 13.29 0.27 22.50
N VAL B 110 13.63 0.08 21.23
CA VAL B 110 12.67 0.25 20.15
C VAL B 110 12.42 -1.06 19.41
N ILE B 111 11.52 -1.03 18.41
CA ILE B 111 11.26 -2.23 17.62
C ILE B 111 12.43 -2.47 16.67
N HIS B 112 12.86 -3.74 16.65
CA HIS B 112 13.87 -4.23 15.73
C HIS B 112 13.29 -5.45 15.06
N GLY B 113 14.00 -5.96 14.05
CA GLY B 113 13.64 -7.21 13.37
C GLY B 113 14.70 -8.23 13.68
N PHE B 114 14.35 -9.49 13.55
CA PHE B 114 15.29 -10.56 13.73
C PHE B 114 15.13 -11.45 12.52
N HIS B 115 16.01 -11.23 11.53
CA HIS B 115 16.00 -11.97 10.26
C HIS B 115 17.27 -12.83 10.08
N VAL B 116 17.11 -14.15 10.22
CA VAL B 116 18.28 -15.01 10.16
C VAL B 116 18.50 -15.45 8.71
N GLU B 117 19.40 -14.72 8.04
CA GLU B 117 19.76 -14.99 6.65
C GLU B 117 19.84 -16.49 6.39
N GLY B 118 19.18 -16.93 5.34
CA GLY B 118 19.22 -18.32 4.94
C GLY B 118 18.06 -19.10 5.52
N THR B 119 17.41 -18.53 6.54
CA THR B 119 16.30 -19.23 7.21
C THR B 119 14.94 -18.53 7.01
N ASN B 120 13.92 -19.10 7.65
CA ASN B 120 12.58 -18.55 7.69
C ASN B 120 12.31 -17.83 9.00
N ILE B 121 13.37 -17.69 9.81
CA ILE B 121 13.28 -16.90 11.02
C ILE B 121 13.22 -15.46 10.57
N ASN B 122 12.04 -14.88 10.75
CA ASN B 122 11.80 -13.49 10.41
C ASN B 122 10.71 -12.96 11.32
N VAL B 123 11.12 -12.46 12.48
CA VAL B 123 10.17 -12.02 13.47
C VAL B 123 10.51 -10.59 13.91
N GLU B 124 9.46 -9.82 14.21
CA GLU B 124 9.59 -8.47 14.74
C GLU B 124 9.80 -8.60 16.21
N VAL B 125 10.64 -7.75 16.77
CA VAL B 125 10.99 -7.81 18.19
C VAL B 125 10.53 -6.51 18.85
N LEU B 126 9.62 -6.64 19.82
CA LEU B 126 8.92 -5.50 20.40
C LEU B 126 9.22 -5.29 21.88
N PRO B 127 9.62 -4.06 22.25
CA PRO B 127 9.90 -3.69 23.62
C PRO B 127 8.72 -4.02 24.49
N GLY B 128 8.96 -4.81 25.54
CA GLY B 128 7.90 -5.20 26.45
C GLY B 128 7.17 -6.48 26.10
N GLU B 129 7.60 -7.13 25.04
CA GLU B 129 7.00 -8.36 24.61
C GLU B 129 8.10 -9.34 24.19
N VAL B 130 7.91 -10.61 24.51
CA VAL B 130 8.83 -11.65 24.07
C VAL B 130 8.35 -12.26 22.75
N SER B 131 9.23 -12.28 21.77
CA SER B 131 8.98 -12.94 20.49
C SER B 131 9.63 -14.35 20.47
N THR B 132 8.79 -15.38 20.62
CA THR B 132 9.26 -16.77 20.73
C THR B 132 9.11 -17.54 19.41
N VAL B 133 10.24 -17.96 18.84
CA VAL B 133 10.19 -18.76 17.61
C VAL B 133 11.08 -20.00 17.69
N ARG B 134 10.67 -21.09 17.05
CA ARG B 134 11.45 -22.31 17.07
C ARG B 134 12.03 -22.55 15.69
N TYR B 135 13.20 -23.18 15.64
CA TYR B 135 13.81 -23.52 14.37
C TYR B 135 14.92 -24.49 14.61
N THR B 136 14.96 -25.52 13.76
CA THR B 136 16.01 -26.53 13.82
C THR B 136 16.91 -26.25 12.65
N PHE B 137 18.08 -25.68 12.89
CA PHE B 137 18.99 -25.54 11.78
C PHE B 137 19.39 -26.98 11.36
N LYS B 138 19.45 -27.25 10.03
CA LYS B 138 19.98 -28.53 9.52
C LYS B 138 21.39 -28.29 8.98
N ARG B 139 21.51 -27.14 8.17
CA ARG B 139 22.83 -26.78 7.70
C ARG B 139 23.59 -26.06 8.77
N PRO B 140 24.75 -26.56 9.01
CA PRO B 140 25.67 -26.11 10.02
C PRO B 140 26.04 -24.57 9.89
N GLY B 141 26.67 -23.90 10.91
CA GLY B 141 27.61 -22.76 10.67
C GLY B 141 27.34 -21.30 11.17
N GLU B 142 27.87 -20.33 10.34
CA GLU B 142 27.94 -18.76 10.34
C GLU B 142 26.71 -17.94 9.78
N TYR B 143 25.56 -18.14 10.41
CA TYR B 143 24.39 -17.39 10.05
C TYR B 143 24.51 -15.95 10.58
N ARG B 144 24.12 -15.00 9.74
CA ARG B 144 24.16 -13.59 10.10
C ARG B 144 22.74 -13.11 10.30
N ILE B 145 22.48 -12.43 11.41
CA ILE B 145 21.17 -11.88 11.69
C ILE B 145 21.12 -10.43 11.23
N ILE B 146 20.07 -10.07 10.51
CA ILE B 146 19.88 -8.70 10.00
C ILE B 146 18.65 -8.04 10.63
N CYS B 147 18.81 -6.80 11.10
CA CYS B 147 17.68 -5.99 11.55
C CYS B 147 17.03 -5.44 10.31
N ASN B 148 15.78 -5.82 10.10
CA ASN B 148 15.05 -5.37 8.94
C ASN B 148 13.89 -4.43 9.27
N GLN B 149 13.90 -3.85 10.47
CA GLN B 149 12.88 -2.88 10.80
C GLN B 149 13.59 -1.63 11.28
N TYR B 150 13.31 -0.49 10.63
CA TYR B 150 13.93 0.78 10.96
C TYR B 150 13.92 1.03 12.44
N CYS B 151 15.12 1.15 13.01
CA CYS B 151 15.32 1.37 14.45
C CYS B 151 16.08 2.65 14.83
N GLY B 152 16.72 3.31 13.87
CA GLY B 152 17.42 4.54 14.16
C GLY B 152 18.50 4.77 13.12
N LEU B 153 19.38 5.73 13.39
CA LEU B 153 20.44 6.16 12.43
C LEU B 153 21.49 5.13 11.98
N GLY B 154 21.79 4.18 12.87
CA GLY B 154 22.71 3.06 12.58
C GLY B 154 22.00 1.74 12.32
N HIS B 155 20.73 1.82 11.92
CA HIS B 155 19.93 0.63 11.65
C HIS B 155 20.58 -0.22 10.57
N GLN B 156 20.96 0.44 9.47
CA GLN B 156 21.52 -0.27 8.32
C GLN B 156 22.71 -1.11 8.73
N ASN B 157 23.17 -0.89 9.96
CA ASN B 157 24.40 -1.47 10.48
C ASN B 157 24.19 -2.42 11.66
N MET B 158 22.95 -2.66 12.02
CA MET B 158 22.66 -3.57 13.10
C MET B 158 22.67 -5.01 12.61
N PHE B 159 23.82 -5.66 12.71
CA PHE B 159 23.92 -7.07 12.35
C PHE B 159 24.21 -7.92 13.58
N GLY B 160 23.88 -9.20 13.50
CA GLY B 160 24.17 -10.16 14.58
C GLY B 160 24.72 -11.45 13.99
N THR B 161 24.95 -12.46 14.83
CA THR B 161 25.52 -13.70 14.31
C THR B 161 25.02 -14.97 14.96
N ILE B 162 24.77 -16.00 14.16
CA ILE B 162 24.55 -17.32 14.74
C ILE B 162 25.67 -18.30 14.32
N VAL B 163 26.09 -19.10 15.30
CA VAL B 163 27.15 -20.10 15.15
C VAL B 163 26.58 -21.46 15.59
N VAL B 164 25.96 -22.14 14.63
CA VAL B 164 25.39 -23.48 14.83
C VAL B 164 26.48 -24.55 14.71
N LYS B 165 27.02 -25.08 15.83
CA LYS B 165 28.24 -25.97 15.81
C LYS B 165 28.00 -27.35 15.19
N GLU B 166 28.91 -27.81 14.31
CA GLU B 166 28.69 -29.09 13.56
C GLU B 166 28.67 -30.25 14.54
N GLU C 1 -19.76 -8.64 -30.12
CA GLU C 1 -19.47 -9.64 -31.22
C GLU C 1 -19.39 -11.08 -30.66
N GLU C 2 -18.19 -11.50 -30.19
CA GLU C 2 -17.99 -12.89 -29.74
C GLU C 2 -17.14 -13.02 -28.47
N LYS C 3 -16.76 -14.27 -28.14
CA LYS C 3 -15.87 -14.57 -27.02
C LYS C 3 -14.76 -13.48 -26.88
N PRO C 4 -14.59 -12.95 -25.66
CA PRO C 4 -13.57 -11.92 -25.47
C PRO C 4 -12.22 -12.60 -25.41
N LYS C 5 -11.66 -12.89 -26.57
CA LYS C 5 -10.44 -13.68 -26.66
C LYS C 5 -9.24 -12.96 -26.03
N GLY C 6 -9.16 -11.64 -26.22
CA GLY C 6 -8.09 -10.81 -25.69
C GLY C 6 -8.14 -10.60 -24.19
N ALA C 7 -9.36 -10.49 -23.65
CA ALA C 7 -9.56 -10.43 -22.19
C ALA C 7 -9.02 -11.70 -21.55
N LEU C 8 -9.39 -12.84 -22.14
CA LEU C 8 -8.87 -14.13 -21.75
C LEU C 8 -7.35 -14.16 -21.75
N ALA C 9 -6.76 -13.65 -22.83
CA ALA C 9 -5.30 -13.57 -22.96
C ALA C 9 -4.73 -12.76 -21.81
N VAL C 10 -5.36 -11.64 -21.49
CA VAL C 10 -4.88 -10.83 -20.38
C VAL C 10 -4.99 -11.61 -19.04
N ILE C 11 -6.17 -12.14 -18.71
CA ILE C 11 -6.30 -12.90 -17.44
C ILE C 11 -5.45 -14.18 -17.39
N LEU C 12 -5.10 -14.71 -18.55
CA LEU C 12 -4.22 -15.88 -18.63
C LEU C 12 -2.81 -15.48 -18.22
N VAL C 13 -2.29 -14.43 -18.85
CA VAL C 13 -0.99 -13.83 -18.47
C VAL C 13 -0.97 -13.59 -16.95
N LEU C 14 -2.07 -13.05 -16.42
CA LEU C 14 -2.15 -12.75 -15.02
C LEU C 14 -2.06 -14.02 -14.20
N THR C 15 -2.78 -15.06 -14.63
CA THR C 15 -2.82 -16.30 -13.86
C THR C 15 -1.47 -16.97 -13.82
N LEU C 16 -0.77 -16.96 -14.94
CA LEU C 16 0.58 -17.53 -14.98
C LEU C 16 1.54 -16.76 -14.06
N THR C 17 1.48 -15.42 -14.08
CA THR C 17 2.30 -14.56 -13.22
C THR C 17 2.04 -14.86 -11.75
N ILE C 18 0.77 -15.08 -11.40
CA ILE C 18 0.41 -15.41 -10.03
C ILE C 18 1.05 -16.71 -9.62
N LEU C 19 0.99 -17.71 -10.50
CA LEU C 19 1.56 -19.02 -10.23
C LEU C 19 3.09 -19.01 -10.13
N VAL C 20 3.78 -18.41 -11.11
CA VAL C 20 5.23 -18.31 -11.11
C VAL C 20 5.70 -17.64 -9.81
N PHE C 21 5.03 -16.56 -9.44
CA PHE C 21 5.36 -15.84 -8.22
C PHE C 21 5.09 -16.68 -6.98
N TRP C 22 3.90 -17.27 -6.88
CA TRP C 22 3.45 -17.97 -5.68
C TRP C 22 4.23 -19.25 -5.48
N LEU C 23 4.05 -20.21 -6.38
CA LEU C 23 4.85 -21.44 -6.39
C LEU C 23 6.33 -21.09 -6.25
N GLY C 24 6.80 -20.13 -7.05
CA GLY C 24 8.18 -19.65 -6.97
C GLY C 24 8.66 -19.41 -5.55
N VAL C 25 7.87 -18.69 -4.75
CA VAL C 25 8.22 -18.32 -3.38
C VAL C 25 7.91 -19.44 -2.38
N TYR C 26 6.86 -20.20 -2.65
CA TYR C 26 6.57 -21.43 -1.92
C TYR C 26 7.76 -22.37 -1.98
N ALA C 27 8.47 -22.35 -3.11
CA ALA C 27 9.70 -23.13 -3.29
C ALA C 27 10.72 -22.66 -2.26
N VAL C 28 11.07 -21.37 -2.30
CA VAL C 28 12.10 -20.79 -1.44
C VAL C 28 11.79 -21.01 0.04
N PHE C 29 10.50 -20.94 0.41
CA PHE C 29 10.13 -21.17 1.81
C PHE C 29 10.63 -22.51 2.34
N PHE C 30 10.40 -23.58 1.57
CA PHE C 30 10.88 -24.89 1.93
C PHE C 30 12.40 -25.00 1.84
N ALA C 31 12.97 -24.43 0.79
CA ALA C 31 14.42 -24.36 0.63
C ALA C 31 15.10 -23.67 1.81
N ARG C 32 14.37 -22.80 2.51
CA ARG C 32 14.87 -22.17 3.74
C ARG C 32 14.32 -22.82 5.02
N GLY C 33 13.41 -23.78 4.84
CA GLY C 33 12.77 -24.50 5.95
C GLY C 33 13.68 -25.47 6.70
CU CU D . -2.13 -4.51 3.30
CHA HEM E . 10.34 3.87 -0.55
CHB HEM E . 12.07 4.66 -4.96
CHC HEM E . 8.18 7.36 -5.96
CHD HEM E . 6.07 5.68 -2.00
C1A HEM E . 11.16 3.81 -1.65
C2A HEM E . 12.39 3.05 -1.79
C3A HEM E . 12.86 3.28 -3.01
C4A HEM E . 11.94 4.19 -3.68
CMA HEM E . 14.14 2.69 -3.61
CAA HEM E . 13.06 2.14 -0.72
CBA HEM E . 13.74 3.02 0.33
CGA HEM E . 13.92 2.35 1.68
O1A HEM E . 14.70 2.92 2.48
O2A HEM E . 13.31 1.27 1.97
C1B HEM E . 11.20 5.54 -5.57
C2B HEM E . 11.49 6.28 -6.77
C3B HEM E . 10.43 7.02 -7.05
C4B HEM E . 9.42 6.79 -6.03
CMB HEM E . 12.80 6.24 -7.59
CAB HEM E . 10.29 8.00 -8.24
CBB HEM E . 10.75 9.26 -8.08
C1C HEM E . 7.22 7.05 -5.04
C2C HEM E . 5.81 7.36 -5.14
C3C HEM E . 5.23 6.89 -4.03
C4C HEM E . 6.26 6.27 -3.22
CMC HEM E . 5.11 8.10 -6.30
CAC HEM E . 3.74 6.96 -3.64
CBC HEM E . 2.81 7.52 -4.45
C1D HEM E . 7.03 5.07 -1.22
C2D HEM E . 6.78 4.49 0.09
C3D HEM E . 8.13 3.93 0.52
C4D HEM E . 9.03 4.23 -0.56
CMD HEM E . 5.45 4.44 0.89
CAD HEM E . 8.48 3.20 1.81
CBD HEM E . 8.88 4.24 2.84
CGD HEM E . 9.05 3.49 4.11
O1D HEM E . 8.77 4.11 5.17
O2D HEM E . 9.45 2.30 4.07
NA HEM E . 10.91 4.49 -2.83
NB HEM E . 9.94 5.87 -5.14
NC HEM E . 7.47 6.38 -3.87
ND HEM E . 8.36 4.90 -1.56
FE HEM E . 9.12 5.37 -3.37
FE HAS F . 0.00 -4.57 -0.52
CHA HAS F . 2.52 -4.50 1.85
CHB HAS F . -0.96 -7.70 0.56
CHC HAS F . -2.25 -4.72 -3.09
CHD HAS F . 0.36 -1.15 -0.96
NA HAS F . 1.22 -3.08 0.29
C1A HAS F . 2.17 -3.20 1.24
C2A HAS F . 2.87 -1.92 1.63
C3A HAS F . 2.21 -0.94 0.78
C4A HAS F . 1.25 -1.76 0.02
CMA HAS F . 2.49 0.53 0.72
OMD HAS F . -0.49 -9.50 2.84
CAA HAS F . 3.96 -1.69 2.63
CBA HAS F . 3.34 -1.27 3.94
CGA HAS F . 4.48 -1.03 4.91
O1A HAS F . 5.32 -0.12 4.66
O2A HAS F . 4.56 -1.74 5.92
NB HAS F . -1.39 -5.99 -1.16
C1B HAS F . -1.67 -7.19 -0.63
C2B HAS F . -2.67 -7.88 -1.33
C3B HAS F . -3.04 -7.04 -2.36
C4B HAS F . -2.23 -5.91 -2.21
CMB HAS F . -3.22 -9.25 -1.02
NC HAS F . -0.81 -3.15 -1.82
C1C HAS F . -1.72 -3.37 -2.80
C2C HAS F . -2.15 -2.16 -3.56
C3C HAS F . -1.36 -1.11 -2.90
C4C HAS F . -0.58 -1.83 -1.87
CMC HAS F . -3.11 -2.06 -4.70
CAC HAS F . -1.30 0.33 -3.19
CBC HAS F . -2.42 1.01 -3.32
ND HAS F . 0.70 -5.88 0.97
C1D HAS F . 0.19 -7.09 1.28
C2D HAS F . 0.87 -7.68 2.33
C3D HAS F . 1.92 -6.76 2.74
C4D HAS F . 1.70 -5.71 1.86
CMD HAS F . 0.63 -9.00 2.94
CAD HAS F . 2.91 -6.95 3.85
CBD HAS F . 4.34 -7.09 3.37
CGD HAS F . 5.24 -7.14 4.61
O1D HAS F . 5.66 -8.25 4.99
O2D HAS F . 5.50 -6.06 5.21
C11 HAS F . -4.08 -7.34 -3.39
O11 HAS F . -5.10 -6.35 -3.31
C12 HAS F . -3.48 -7.33 -4.82
C13 HAS F . -4.51 -7.79 -5.82
C14 HAS F . -4.06 -7.38 -7.21
C15 HAS F . -4.22 -8.18 -8.29
C16 HAS F . -3.74 -7.73 -9.65
C17 HAS F . -4.90 -7.37 -10.59
C18 HAS F . -4.36 -6.79 -11.89
C19 HAS F . -5.05 -5.93 -12.69
C20 HAS F . -4.43 -5.39 -13.95
C21 HAS F . -4.78 -6.22 -15.20
C22 HAS F . -4.25 -5.44 -16.38
C23 HAS F . -5.01 -5.08 -17.42
C24 HAS F . -4.38 -4.27 -18.54
C25 HAS F . -6.49 -5.42 -17.48
C26 HAS F . -4.88 -9.52 -8.14
C27 HAS F . -6.43 -5.45 -12.33
C28 HAS F . -4.18 -5.04 -19.84
C29 HAS F . -3.74 -3.98 -20.83
C30 HAS F . -3.48 -4.24 -22.14
C31 HAS F . -3.06 -3.10 -23.04
C32 HAS F . -3.61 -5.62 -22.72
XE XE G . 0.53 2.40 5.07
XE XE H . 0.59 14.71 7.11
XE XE I . -1.61 10.25 13.49
CU1 CUA J . 16.99 -1.63 12.59
CU2 CUA J . 17.46 -2.63 15.03
#